data_8UDT
#
_entry.id   8UDT
#
_cell.length_a   89.98
_cell.length_b   160.44
_cell.length_c   179.163
_cell.angle_alpha   90
_cell.angle_beta   90
_cell.angle_gamma   90
#
_symmetry.space_group_name_H-M   'I 2 2 2'
#
loop_
_entity.id
_entity.type
_entity.pdbx_description
1 polymer 'Fibroblast growth factor receptor 3'
2 non-polymer D-MALATE
3 non-polymer 3-[(1-cyclopropyl-4,6-difluoro-1H-benzimidazol-5-yl)ethynyl]-1-[(3R,5R)-5-(methoxymethyl)-1-propanoylpyrrolidin-3-yl]-5-(methylamino)-1H-pyrazole-4-carboxamide
4 water water
#
_entity_poly.entity_id   1
_entity_poly.type   'polypeptide(L)'
_entity_poly.pdbx_seq_one_letter_code
;MSELELPADPKWELSRARLTLGKPLGEGCFGQVVMAEAIGIDKDRAAKPVTVAVKMLKDDATDKDLSDLVSEMEMMKMIG
KHKNIINLLGACTQGGPLYVLVEYAAKGNLREFLRARRSGEEQLTFKDLVSCAYQVARGMEYLASQKCIHRDLAARNVLV
TEDNVMKIADFGLARDVHNLDYYKKTTNGRLPVKWMAPEALFDRVYTHQSDVWSFGVLLWEIFTLGGSPYPGIPVEELFK
LLKEGHRMDKPANCTHDLYMIMRECWHAAPSQRPTFKQLVEDLDRVLTVTSHHHHHH
;
_entity_poly.pdbx_strand_id   A,B,C
#
# COMPACT_ATOMS: atom_id res chain seq x y z
N LEU A 4 1.38 -7.32 -51.38
CA LEU A 4 1.03 -7.06 -49.98
C LEU A 4 -0.43 -6.62 -49.85
N GLU A 5 -1.26 -7.47 -49.24
CA GLU A 5 -2.67 -7.18 -49.02
C GLU A 5 -2.88 -6.27 -47.78
N LEU A 6 -3.15 -4.99 -48.02
CA LEU A 6 -3.32 -3.94 -47.01
C LEU A 6 -4.47 -2.98 -47.35
N PRO A 7 -5.10 -2.31 -46.36
CA PRO A 7 -6.12 -1.31 -46.70
C PRO A 7 -5.48 -0.01 -47.15
N ALA A 8 -6.12 0.70 -48.09
CA ALA A 8 -5.59 1.96 -48.57
C ALA A 8 -6.31 3.11 -47.89
N ASP A 9 -5.55 4.02 -47.26
CA ASP A 9 -6.06 5.24 -46.63
C ASP A 9 -5.85 6.33 -47.70
N PRO A 10 -6.88 6.64 -48.52
CA PRO A 10 -6.66 7.56 -49.65
C PRO A 10 -5.98 8.89 -49.33
N LYS A 11 -6.34 9.52 -48.21
CA LYS A 11 -5.71 10.80 -47.83
C LYS A 11 -4.19 10.67 -47.62
N TRP A 12 -3.66 9.46 -47.49
CA TRP A 12 -2.22 9.22 -47.30
C TRP A 12 -1.55 8.49 -48.48
N GLU A 13 -2.34 7.84 -49.34
CA GLU A 13 -1.79 7.06 -50.45
C GLU A 13 -1.08 7.94 -51.46
N LEU A 14 0.18 7.59 -51.78
CA LEU A 14 0.99 8.27 -52.78
C LEU A 14 1.17 7.35 -53.98
N SER A 15 1.09 7.90 -55.19
CA SER A 15 1.28 7.12 -56.40
C SER A 15 2.74 6.71 -56.51
N ARG A 16 2.99 5.47 -56.94
CA ARG A 16 4.35 4.98 -57.08
C ARG A 16 5.10 5.73 -58.18
N ALA A 17 4.39 6.27 -59.18
CA ALA A 17 5.01 7.08 -60.23
C ALA A 17 5.64 8.36 -59.67
N ARG A 18 5.12 8.85 -58.53
CA ARG A 18 5.66 10.04 -57.88
C ARG A 18 6.89 9.76 -57.02
N LEU A 19 7.16 8.47 -56.72
CA LEU A 19 8.27 8.13 -55.85
C LEU A 19 9.41 7.48 -56.61
N THR A 20 10.63 7.95 -56.35
CA THR A 20 11.87 7.39 -56.92
C THR A 20 12.78 7.08 -55.74
N LEU A 21 13.10 5.80 -55.54
CA LEU A 21 13.92 5.38 -54.41
C LEU A 21 15.40 5.64 -54.68
N GLY A 22 16.12 6.01 -53.62
CA GLY A 22 17.53 6.37 -53.71
C GLY A 22 18.45 5.53 -52.84
N LYS A 23 19.54 6.14 -52.36
CA LYS A 23 20.57 5.43 -51.63
C LYS A 23 20.16 5.04 -50.19
N PRO A 24 20.64 3.91 -49.66
CA PRO A 24 20.35 3.60 -48.24
C PRO A 24 20.91 4.67 -47.31
N LEU A 25 20.11 5.11 -46.33
CA LEU A 25 20.58 6.10 -45.35
C LEU A 25 21.24 5.38 -44.19
N GLY A 26 22.50 5.74 -43.91
CA GLY A 26 23.26 5.13 -42.82
C GLY A 26 23.77 3.75 -43.16
N GLU A 27 24.90 3.35 -42.55
CA GLU A 27 25.50 2.04 -42.79
C GLU A 27 24.78 0.95 -41.99
N GLY A 28 24.40 1.26 -40.76
CA GLY A 28 23.68 0.33 -39.90
C GLY A 28 22.28 0.11 -40.40
N CYS A 29 21.70 -1.09 -40.16
CA CYS A 29 20.34 -1.46 -40.59
C CYS A 29 20.05 -1.04 -42.04
N PHE A 30 21.01 -1.25 -42.94
CA PHE A 30 20.89 -0.83 -44.34
C PHE A 30 19.80 -1.58 -45.09
N GLY A 31 19.11 -0.87 -45.97
CA GLY A 31 18.01 -1.42 -46.76
C GLY A 31 16.64 -1.14 -46.17
N GLN A 32 16.56 -1.04 -44.84
CA GLN A 32 15.29 -0.73 -44.18
C GLN A 32 14.91 0.73 -44.48
N VAL A 33 15.86 1.67 -44.33
CA VAL A 33 15.59 3.09 -44.61
C VAL A 33 16.43 3.55 -45.79
N VAL A 34 15.76 4.12 -46.81
CA VAL A 34 16.43 4.66 -48.00
C VAL A 34 16.00 6.10 -48.21
N MET A 35 16.85 6.87 -48.88
CA MET A 35 16.51 8.25 -49.26
C MET A 35 15.65 8.15 -50.53
N ALA A 36 14.70 9.07 -50.74
CA ALA A 36 13.84 8.99 -51.92
C ALA A 36 13.35 10.39 -52.35
N GLU A 37 12.75 10.50 -53.55
CA GLU A 37 12.18 11.75 -54.03
C GLU A 37 10.71 11.55 -54.33
N ALA A 38 9.86 12.44 -53.82
CA ALA A 38 8.42 12.35 -54.01
C ALA A 38 7.89 13.64 -54.62
N ILE A 39 7.21 13.54 -55.77
CA ILE A 39 6.68 14.71 -56.47
C ILE A 39 5.26 15.02 -56.00
N GLY A 40 5.02 16.27 -55.62
CA GLY A 40 3.71 16.72 -55.17
C GLY A 40 3.53 16.79 -53.67
N ILE A 41 4.54 16.37 -52.89
CA ILE A 41 4.48 16.41 -51.43
C ILE A 41 4.25 17.84 -50.94
N ASP A 42 4.89 18.83 -51.58
CA ASP A 42 4.67 20.23 -51.23
C ASP A 42 3.47 20.77 -52.01
N LYS A 43 2.36 21.05 -51.30
CA LYS A 43 1.13 21.59 -51.92
C LYS A 43 1.37 22.88 -52.70
N ASP A 44 2.33 23.70 -52.27
CA ASP A 44 2.65 24.97 -52.93
C ASP A 44 3.39 24.76 -54.26
N ARG A 45 4.26 23.75 -54.35
CA ARG A 45 4.99 23.44 -55.58
C ARG A 45 4.68 21.99 -56.00
N ALA A 46 3.61 21.79 -56.76
CA ALA A 46 3.18 20.46 -57.19
C ALA A 46 4.21 19.75 -58.07
N ALA A 47 4.96 20.50 -58.89
CA ALA A 47 5.97 19.92 -59.78
C ALA A 47 7.26 19.53 -59.06
N LYS A 48 7.61 20.19 -57.94
CA LYS A 48 8.88 19.96 -57.26
C LYS A 48 9.06 18.56 -56.67
N PRO A 49 10.14 17.82 -57.00
CA PRO A 49 10.43 16.58 -56.25
C PRO A 49 10.97 16.93 -54.87
N VAL A 50 10.36 16.38 -53.81
CA VAL A 50 10.78 16.65 -52.45
C VAL A 50 11.54 15.44 -51.92
N THR A 51 12.74 15.65 -51.38
CA THR A 51 13.53 14.54 -50.83
C THR A 51 12.90 14.09 -49.52
N VAL A 52 12.65 12.78 -49.40
CA VAL A 52 12.00 12.19 -48.23
C VAL A 52 12.80 10.96 -47.79
N ALA A 53 12.46 10.39 -46.62
CA ALA A 53 13.06 9.15 -46.17
C ALA A 53 11.98 8.06 -46.26
N VAL A 54 12.34 6.90 -46.82
CA VAL A 54 11.39 5.81 -47.02
C VAL A 54 11.80 4.60 -46.19
N LYS A 55 10.89 4.14 -45.33
CA LYS A 55 11.07 2.92 -44.55
C LYS A 55 10.38 1.80 -45.34
N MET A 56 11.04 0.67 -45.49
CA MET A 56 10.51 -0.46 -46.25
C MET A 56 10.91 -1.77 -45.58
N LEU A 57 10.21 -2.87 -45.88
CA LEU A 57 10.54 -4.17 -45.29
C LEU A 57 11.66 -4.84 -46.07
N LYS A 58 12.30 -5.84 -45.46
CA LYS A 58 13.37 -6.58 -46.13
C LYS A 58 12.70 -7.59 -47.09
N ASP A 59 13.47 -8.22 -47.99
CA ASP A 59 12.91 -9.18 -48.94
C ASP A 59 12.33 -10.37 -48.18
N ASP A 60 13.05 -10.81 -47.13
CA ASP A 60 12.61 -11.87 -46.23
C ASP A 60 12.27 -11.26 -44.87
N ALA A 61 11.01 -10.81 -44.72
CA ALA A 61 10.50 -10.17 -43.51
C ALA A 61 9.36 -11.03 -42.96
N THR A 62 9.11 -10.99 -41.62
CA THR A 62 8.04 -11.79 -41.07
C THR A 62 6.72 -11.00 -41.12
N ASP A 63 5.58 -11.67 -40.90
CA ASP A 63 4.29 -11.00 -40.82
C ASP A 63 4.27 -10.01 -39.65
N LYS A 64 5.04 -10.30 -38.56
CA LYS A 64 5.14 -9.38 -37.43
C LYS A 64 5.84 -8.10 -37.88
N ASP A 65 6.91 -8.23 -38.67
CA ASP A 65 7.65 -7.07 -39.17
C ASP A 65 6.74 -6.14 -39.98
N LEU A 66 5.83 -6.72 -40.75
CA LEU A 66 4.87 -5.95 -41.53
C LEU A 66 3.83 -5.29 -40.62
N SER A 67 3.25 -6.04 -39.68
CA SER A 67 2.26 -5.49 -38.77
C SER A 67 2.86 -4.39 -37.90
N ASP A 68 4.13 -4.54 -37.49
CA ASP A 68 4.83 -3.54 -36.69
C ASP A 68 4.99 -2.23 -37.45
N LEU A 69 5.33 -2.31 -38.74
CA LEU A 69 5.52 -1.13 -39.58
C LEU A 69 4.18 -0.45 -39.83
N VAL A 70 3.12 -1.22 -40.06
CA VAL A 70 1.79 -0.66 -40.28
C VAL A 70 1.30 0.00 -38.99
N SER A 71 1.48 -0.68 -37.83
CA SER A 71 1.07 -0.13 -36.54
C SER A 71 1.80 1.17 -36.21
N GLU A 72 3.11 1.26 -36.52
CA GLU A 72 3.88 2.47 -36.26
C GLU A 72 3.35 3.61 -37.13
N MET A 73 3.06 3.32 -38.41
CA MET A 73 2.48 4.28 -39.35
C MET A 73 1.12 4.75 -38.84
N GLU A 74 0.28 3.83 -38.37
CA GLU A 74 -1.06 4.15 -37.87
C GLU A 74 -0.99 4.97 -36.59
N MET A 75 0.00 4.72 -35.73
CA MET A 75 0.17 5.49 -34.50
C MET A 75 0.64 6.92 -34.83
N MET A 76 1.43 7.10 -35.90
CA MET A 76 1.85 8.43 -36.33
C MET A 76 0.64 9.25 -36.82
N LYS A 77 -0.34 8.58 -37.45
CA LYS A 77 -1.57 9.24 -37.91
C LYS A 77 -2.38 9.72 -36.70
N MET A 78 -2.43 8.93 -35.62
CA MET A 78 -3.15 9.29 -34.40
C MET A 78 -2.46 10.45 -33.67
N ILE A 79 -1.12 10.38 -33.53
CA ILE A 79 -0.36 11.39 -32.81
C ILE A 79 -0.49 12.77 -33.47
N GLY A 80 -0.47 12.80 -34.80
CA GLY A 80 -0.58 14.06 -35.52
C GLY A 80 0.77 14.65 -35.86
N LYS A 81 0.79 15.89 -36.36
CA LYS A 81 2.01 16.53 -36.81
C LYS A 81 2.49 17.65 -35.89
N HIS A 82 3.82 17.75 -35.74
CA HIS A 82 4.47 18.80 -34.98
C HIS A 82 5.82 19.07 -35.63
N LYS A 83 6.27 20.33 -35.63
CA LYS A 83 7.53 20.71 -36.27
C LYS A 83 8.72 19.94 -35.72
N ASN A 84 8.75 19.72 -34.40
CA ASN A 84 9.90 19.06 -33.76
C ASN A 84 9.78 17.54 -33.60
N ILE A 85 9.00 16.88 -34.48
CA ILE A 85 8.92 15.42 -34.54
C ILE A 85 9.02 15.00 -36.01
N ILE A 86 9.58 13.82 -36.31
CA ILE A 86 9.65 13.32 -37.68
C ILE A 86 8.22 12.98 -38.11
N ASN A 87 7.71 13.61 -39.16
CA ASN A 87 6.32 13.43 -39.56
C ASN A 87 6.11 12.47 -40.71
N LEU A 88 4.93 11.83 -40.71
CA LEU A 88 4.51 10.94 -41.77
C LEU A 88 4.07 11.81 -42.94
N LEU A 89 4.56 11.51 -44.16
CA LEU A 89 4.21 12.30 -45.33
C LEU A 89 3.33 11.55 -46.32
N GLY A 90 3.35 10.21 -46.27
CA GLY A 90 2.57 9.40 -47.18
C GLY A 90 2.97 7.94 -47.15
N ALA A 91 2.33 7.12 -47.98
CA ALA A 91 2.64 5.70 -48.04
C ALA A 91 2.19 5.09 -49.35
N CYS A 92 2.91 4.06 -49.82
CA CYS A 92 2.53 3.30 -51.00
C CYS A 92 2.16 1.92 -50.49
N THR A 93 0.85 1.65 -50.34
CA THR A 93 0.37 0.40 -49.77
C THR A 93 -0.26 -0.53 -50.82
N GLN A 94 -0.51 -0.04 -52.05
CA GLN A 94 -1.19 -0.81 -53.08
C GLN A 94 -0.32 -1.03 -54.32
N GLY A 95 -0.46 -2.20 -54.94
CA GLY A 95 0.24 -2.53 -56.18
C GLY A 95 1.75 -2.57 -56.08
N GLY A 96 2.27 -3.12 -54.99
CA GLY A 96 3.71 -3.23 -54.79
C GLY A 96 4.10 -3.31 -53.34
N PRO A 97 5.41 -3.26 -53.03
CA PRO A 97 5.83 -3.35 -51.62
C PRO A 97 5.44 -2.13 -50.80
N LEU A 98 5.28 -2.29 -49.49
CA LEU A 98 4.89 -1.20 -48.60
C LEU A 98 6.04 -0.22 -48.41
N TYR A 99 5.79 1.08 -48.70
CA TYR A 99 6.78 2.14 -48.49
C TYR A 99 6.15 3.19 -47.60
N VAL A 100 6.78 3.50 -46.46
CA VAL A 100 6.26 4.53 -45.55
C VAL A 100 7.17 5.74 -45.67
N LEU A 101 6.60 6.89 -46.04
CA LEU A 101 7.35 8.13 -46.22
C LEU A 101 7.36 8.97 -44.96
N VAL A 102 8.55 9.42 -44.54
CA VAL A 102 8.70 10.32 -43.39
C VAL A 102 9.61 11.48 -43.82
N GLU A 103 9.63 12.56 -43.04
CA GLU A 103 10.45 13.73 -43.36
C GLU A 103 11.93 13.41 -43.40
N TYR A 104 12.65 13.94 -44.40
CA TYR A 104 14.08 13.70 -44.55
C TYR A 104 14.89 14.67 -43.71
N ALA A 105 15.88 14.14 -42.96
CA ALA A 105 16.76 14.94 -42.11
C ALA A 105 18.19 14.88 -42.64
N ALA A 106 18.58 15.84 -43.47
CA ALA A 106 19.87 15.87 -44.14
C ALA A 106 21.10 15.80 -43.24
N LYS A 107 21.08 16.48 -42.09
CA LYS A 107 22.27 16.57 -41.23
C LYS A 107 22.40 15.43 -40.19
N GLY A 108 21.73 14.30 -40.43
CA GLY A 108 21.86 13.11 -39.59
C GLY A 108 21.32 13.27 -38.18
N ASN A 109 21.73 12.36 -37.27
CA ASN A 109 21.26 12.41 -35.89
C ASN A 109 21.99 13.50 -35.10
N LEU A 110 21.38 13.92 -33.99
CA LEU A 110 21.89 15.02 -33.17
C LEU A 110 23.29 14.74 -32.62
N ARG A 111 23.61 13.48 -32.26
CA ARG A 111 24.92 13.18 -31.71
C ARG A 111 26.02 13.41 -32.75
N GLU A 112 25.82 12.94 -33.99
CA GLU A 112 26.80 13.13 -35.05
C GLU A 112 26.85 14.60 -35.49
N PHE A 113 25.68 15.27 -35.52
CA PHE A 113 25.60 16.69 -35.86
C PHE A 113 26.43 17.53 -34.88
N LEU A 114 26.38 17.19 -33.59
CA LEU A 114 27.14 17.92 -32.57
C LEU A 114 28.64 17.58 -32.65
N ARG A 115 28.99 16.30 -32.78
CA ARG A 115 30.39 15.89 -32.83
C ARG A 115 31.11 16.52 -34.04
N ALA A 116 30.43 16.63 -35.19
CA ALA A 116 31.01 17.24 -36.38
C ALA A 116 31.23 18.75 -36.19
N ARG A 117 30.36 19.39 -35.40
CA ARG A 117 30.42 20.83 -35.15
C ARG A 117 31.14 21.19 -33.85
N ARG A 118 32.01 20.31 -33.35
CA ARG A 118 32.86 20.62 -32.19
C ARG A 118 33.94 21.62 -32.58
N SER A 119 34.41 21.55 -33.83
CA SER A 119 35.41 22.48 -34.34
C SER A 119 35.06 22.88 -35.78
N GLY A 120 35.56 24.04 -36.19
CA GLY A 120 35.34 24.55 -37.54
C GLY A 120 34.46 25.77 -37.61
N GLU A 121 34.02 26.11 -38.82
CA GLU A 121 33.12 27.24 -39.06
C GLU A 121 31.71 26.90 -38.60
N GLU A 122 31.32 25.64 -38.81
CA GLU A 122 30.00 25.14 -38.42
C GLU A 122 29.87 25.00 -36.89
N GLN A 123 30.91 25.40 -36.11
CA GLN A 123 30.87 25.32 -34.64
C GLN A 123 29.67 26.10 -34.09
N LEU A 124 28.90 25.47 -33.20
CA LEU A 124 27.66 26.03 -32.68
C LEU A 124 27.88 26.95 -31.48
N THR A 125 27.02 27.97 -31.33
CA THR A 125 27.10 28.94 -30.23
C THR A 125 26.33 28.40 -29.02
N PHE A 126 26.42 29.08 -27.86
CA PHE A 126 25.66 28.67 -26.68
C PHE A 126 24.15 28.77 -26.98
N LYS A 127 23.73 29.83 -27.66
CA LYS A 127 22.33 30.04 -28.05
C LYS A 127 21.86 28.91 -28.97
N ASP A 128 22.72 28.45 -29.88
CA ASP A 128 22.36 27.35 -30.79
C ASP A 128 22.14 26.05 -30.02
N LEU A 129 22.95 25.79 -28.99
CA LEU A 129 22.81 24.59 -28.17
C LEU A 129 21.55 24.67 -27.31
N VAL A 130 21.20 25.87 -26.81
CA VAL A 130 19.98 26.04 -26.03
C VAL A 130 18.77 25.88 -26.95
N SER A 131 18.87 26.36 -28.20
CA SER A 131 17.80 26.23 -29.19
C SER A 131 17.50 24.75 -29.46
N CYS A 132 18.53 23.90 -29.48
CA CYS A 132 18.35 22.47 -29.70
C CYS A 132 17.55 21.87 -28.55
N ALA A 133 17.93 22.19 -27.32
CA ALA A 133 17.23 21.70 -26.13
C ALA A 133 15.77 22.15 -26.14
N TYR A 134 15.51 23.42 -26.48
CA TYR A 134 14.15 23.96 -26.54
C TYR A 134 13.31 23.23 -27.58
N GLN A 135 13.88 22.92 -28.75
CA GLN A 135 13.15 22.23 -29.81
C GLN A 135 12.84 20.79 -29.43
N VAL A 136 13.79 20.08 -28.81
CA VAL A 136 13.54 18.70 -28.37
C VAL A 136 12.48 18.70 -27.28
N ALA A 137 12.52 19.67 -26.35
CA ALA A 137 11.50 19.78 -25.30
C ALA A 137 10.13 20.12 -25.90
N ARG A 138 10.09 20.98 -26.93
CA ARG A 138 8.84 21.34 -27.59
C ARG A 138 8.18 20.12 -28.23
N GLY A 139 8.99 19.31 -28.92
CA GLY A 139 8.51 18.11 -29.57
C GLY A 139 8.07 17.05 -28.58
N MET A 140 8.80 16.93 -27.46
CA MET A 140 8.44 15.99 -26.42
C MET A 140 7.18 16.44 -25.70
N GLU A 141 6.99 17.75 -25.52
CA GLU A 141 5.77 18.31 -24.90
C GLU A 141 4.56 17.92 -25.74
N TYR A 142 4.69 18.00 -27.07
CA TYR A 142 3.62 17.64 -27.97
C TYR A 142 3.33 16.14 -27.89
N LEU A 143 4.38 15.30 -27.91
CA LEU A 143 4.21 13.85 -27.82
C LEU A 143 3.56 13.46 -26.49
N ALA A 144 3.98 14.08 -25.38
CA ALA A 144 3.39 13.81 -24.08
C ALA A 144 1.91 14.20 -24.08
N SER A 145 1.58 15.36 -24.67
CA SER A 145 0.20 15.82 -24.76
C SER A 145 -0.66 14.87 -25.58
N GLN A 146 -0.07 14.18 -26.57
CA GLN A 146 -0.80 13.21 -27.38
C GLN A 146 -0.73 11.80 -26.80
N LYS A 147 -0.45 11.66 -25.49
CA LYS A 147 -0.40 10.38 -24.79
C LYS A 147 0.65 9.44 -25.38
N CYS A 148 1.84 9.96 -25.71
CA CYS A 148 2.90 9.16 -26.31
C CYS A 148 4.17 9.18 -25.44
N ILE A 149 4.74 8.01 -25.14
CA ILE A 149 5.99 7.88 -24.38
C ILE A 149 7.04 7.32 -25.34
N HIS A 150 8.16 8.04 -25.49
CA HIS A 150 9.22 7.63 -26.42
C HIS A 150 9.92 6.37 -25.94
N ARG A 151 10.27 6.31 -24.65
CA ARG A 151 10.95 5.17 -24.02
C ARG A 151 12.45 5.05 -24.36
N ASP A 152 12.95 5.85 -25.31
CA ASP A 152 14.36 5.82 -25.67
C ASP A 152 14.78 7.20 -26.20
N LEU A 153 14.62 8.24 -25.38
CA LEU A 153 14.96 9.59 -25.80
C LEU A 153 16.47 9.81 -25.64
N ALA A 154 17.16 10.07 -26.75
CA ALA A 154 18.60 10.30 -26.77
C ALA A 154 18.96 11.09 -28.04
N ALA A 155 20.17 11.66 -28.13
CA ALA A 155 20.59 12.41 -29.31
C ALA A 155 20.52 11.55 -30.57
N ARG A 156 20.86 10.25 -30.47
CA ARG A 156 20.74 9.32 -31.60
C ARG A 156 19.33 9.30 -32.19
N ASN A 157 18.29 9.47 -31.35
CA ASN A 157 16.90 9.44 -31.81
C ASN A 157 16.34 10.84 -32.07
N VAL A 158 17.21 11.84 -32.29
CA VAL A 158 16.77 13.19 -32.67
C VAL A 158 17.49 13.49 -33.98
N LEU A 159 16.75 13.77 -35.05
CA LEU A 159 17.36 14.04 -36.35
C LEU A 159 17.36 15.53 -36.66
N VAL A 160 18.37 15.99 -37.40
CA VAL A 160 18.55 17.42 -37.72
C VAL A 160 18.33 17.65 -39.23
N THR A 161 17.45 18.60 -39.58
CA THR A 161 17.14 18.91 -40.98
C THR A 161 18.22 19.81 -41.60
N GLU A 162 18.16 20.06 -42.91
CA GLU A 162 19.06 20.99 -43.56
C GLU A 162 18.89 22.41 -42.96
N ASP A 163 17.65 22.77 -42.56
CA ASP A 163 17.38 24.05 -41.91
C ASP A 163 17.68 24.03 -40.40
N ASN A 164 18.40 23.00 -39.91
CA ASN A 164 18.80 22.88 -38.51
C ASN A 164 17.61 22.80 -37.55
N VAL A 165 16.51 22.16 -37.97
CA VAL A 165 15.34 21.95 -37.11
C VAL A 165 15.53 20.60 -36.43
N MET A 166 15.27 20.52 -35.12
CA MET A 166 15.42 19.25 -34.39
C MET A 166 14.11 18.48 -34.49
N LYS A 167 14.17 17.19 -34.81
CA LYS A 167 12.98 16.36 -34.96
C LYS A 167 13.16 15.00 -34.27
N ILE A 168 12.32 14.70 -33.28
CA ILE A 168 12.36 13.43 -32.55
C ILE A 168 11.89 12.29 -33.47
N ALA A 169 12.64 11.19 -33.54
CA ALA A 169 12.31 10.08 -34.44
C ALA A 169 11.93 8.79 -33.69
N ASP A 170 11.21 7.88 -34.37
CA ASP A 170 10.82 6.57 -33.84
C ASP A 170 10.04 6.66 -32.53
N PHE A 171 9.09 7.59 -32.43
CA PHE A 171 8.29 7.76 -31.23
C PHE A 171 7.12 6.77 -31.19
N GLY A 172 6.55 6.46 -32.37
CA GLY A 172 5.47 5.50 -32.48
C GLY A 172 5.93 4.05 -32.53
N LEU A 173 7.26 3.84 -32.55
CA LEU A 173 7.91 2.53 -32.60
C LEU A 173 7.75 1.78 -31.28
N ALA A 174 7.33 0.52 -31.33
CA ALA A 174 7.19 -0.31 -30.14
C ALA A 174 8.52 -1.03 -29.88
N ARG A 175 9.13 -0.77 -28.70
CA ARG A 175 10.42 -1.35 -28.33
C ARG A 175 10.25 -2.45 -27.28
N ASP A 176 11.00 -3.56 -27.40
CA ASP A 176 10.95 -4.63 -26.40
C ASP A 176 11.62 -4.10 -25.12
N VAL A 177 10.95 -4.21 -23.96
CA VAL A 177 11.49 -3.65 -22.71
C VAL A 177 12.94 -4.03 -22.42
N HIS A 178 13.28 -5.31 -22.55
CA HIS A 178 14.63 -5.75 -22.25
C HIS A 178 15.13 -6.84 -23.19
N ASN A 179 16.30 -6.60 -23.81
CA ASN A 179 16.98 -7.61 -24.61
C ASN A 179 17.45 -8.72 -23.64
N LEU A 180 18.00 -8.30 -22.49
CA LEU A 180 18.36 -9.17 -21.36
C LEU A 180 18.53 -8.29 -20.10
N ASP A 181 18.64 -8.88 -18.89
CA ASP A 181 18.88 -8.08 -17.66
C ASP A 181 20.16 -7.26 -17.86
N TYR A 182 21.22 -7.91 -18.36
CA TYR A 182 22.37 -7.26 -18.94
C TYR A 182 22.22 -7.61 -20.41
N TYR A 183 21.97 -6.62 -21.26
CA TYR A 183 21.64 -6.82 -22.66
C TYR A 183 22.63 -7.75 -23.38
N LYS A 184 23.92 -7.66 -23.00
CA LYS A 184 25.02 -8.48 -23.52
C LYS A 184 25.34 -8.21 -25.01
N LYS A 185 24.61 -7.28 -25.68
CA LYS A 185 24.95 -6.87 -27.04
C LYS A 185 26.37 -6.29 -27.10
N THR A 186 26.80 -5.59 -26.04
CA THR A 186 28.16 -5.03 -25.89
C THR A 186 28.73 -4.44 -27.18
N LEU A 191 24.40 2.89 -26.01
CA LEU A 191 24.04 1.96 -24.95
C LEU A 191 22.73 2.44 -24.27
N PRO A 192 21.59 1.73 -24.40
CA PRO A 192 20.33 2.25 -23.85
C PRO A 192 20.22 2.48 -22.34
N VAL A 193 20.88 1.67 -21.49
CA VAL A 193 20.69 1.79 -20.04
C VAL A 193 21.12 3.15 -19.45
N LYS A 194 22.08 3.84 -20.07
CA LYS A 194 22.56 5.13 -19.55
C LYS A 194 21.53 6.24 -19.63
N TRP A 195 20.60 6.15 -20.59
CA TRP A 195 19.52 7.13 -20.74
C TRP A 195 18.27 6.75 -19.93
N MET A 196 18.14 5.47 -19.53
CA MET A 196 16.97 4.99 -18.80
C MET A 196 16.87 5.53 -17.39
N ALA A 197 15.65 5.90 -16.97
CA ALA A 197 15.40 6.35 -15.60
C ALA A 197 15.53 5.16 -14.65
N PRO A 198 15.78 5.36 -13.34
CA PRO A 198 15.88 4.20 -12.44
C PRO A 198 14.63 3.32 -12.42
N GLU A 199 13.43 3.90 -12.42
CA GLU A 199 12.20 3.11 -12.41
C GLU A 199 12.02 2.29 -13.69
N ALA A 200 12.43 2.83 -14.84
CA ALA A 200 12.35 2.12 -16.11
C ALA A 200 13.42 1.01 -16.16
N LEU A 201 14.62 1.31 -15.64
CA LEU A 201 15.75 0.39 -15.65
C LEU A 201 15.57 -0.77 -14.65
N PHE A 202 15.12 -0.50 -13.43
CA PHE A 202 14.99 -1.53 -12.40
C PHE A 202 13.60 -2.15 -12.30
N ASP A 203 12.53 -1.40 -12.66
CA ASP A 203 11.17 -1.90 -12.52
C ASP A 203 10.36 -1.91 -13.82
N ARG A 204 10.98 -1.60 -14.98
CA ARG A 204 10.27 -1.59 -16.27
C ARG A 204 9.10 -0.59 -16.29
N VAL A 205 9.18 0.49 -15.49
CA VAL A 205 8.11 1.48 -15.41
C VAL A 205 8.40 2.66 -16.33
N TYR A 206 7.55 2.87 -17.34
CA TYR A 206 7.72 3.97 -18.29
C TYR A 206 6.57 4.97 -18.21
N THR A 207 6.89 6.23 -17.95
CA THR A 207 5.93 7.33 -17.87
C THR A 207 6.53 8.53 -18.64
N HIS A 208 5.77 9.63 -18.80
CA HIS A 208 6.33 10.84 -19.39
C HIS A 208 7.44 11.41 -18.48
N GLN A 209 7.40 11.11 -17.16
CA GLN A 209 8.45 11.58 -16.25
C GLN A 209 9.73 10.77 -16.41
N SER A 210 9.66 9.51 -16.86
CA SER A 210 10.85 8.73 -17.16
C SER A 210 11.53 9.26 -18.43
N ASP A 211 10.73 9.77 -19.39
CA ASP A 211 11.27 10.42 -20.59
C ASP A 211 11.99 11.73 -20.20
N VAL A 212 11.54 12.40 -19.12
CA VAL A 212 12.15 13.62 -18.63
C VAL A 212 13.57 13.31 -18.12
N TRP A 213 13.76 12.16 -17.44
CA TRP A 213 15.09 11.74 -17.00
C TRP A 213 15.99 11.58 -18.23
N SER A 214 15.47 10.91 -19.27
CA SER A 214 16.18 10.73 -20.54
C SER A 214 16.49 12.07 -21.19
N PHE A 215 15.59 13.06 -21.06
CA PHE A 215 15.83 14.39 -21.60
C PHE A 215 17.00 15.06 -20.88
N GLY A 216 17.14 14.81 -19.58
CA GLY A 216 18.26 15.34 -18.80
C GLY A 216 19.58 14.79 -19.30
N VAL A 217 19.63 13.49 -19.62
CA VAL A 217 20.81 12.85 -20.17
C VAL A 217 21.08 13.39 -21.59
N LEU A 218 20.01 13.67 -22.35
CA LEU A 218 20.10 14.26 -23.68
C LEU A 218 20.63 15.70 -23.60
N LEU A 219 20.21 16.47 -22.59
CA LEU A 219 20.70 17.83 -22.36
C LEU A 219 22.21 17.79 -22.10
N TRP A 220 22.67 16.82 -21.32
CA TRP A 220 24.09 16.62 -21.04
C TRP A 220 24.83 16.34 -22.35
N GLU A 221 24.22 15.56 -23.25
CA GLU A 221 24.81 15.28 -24.57
C GLU A 221 24.97 16.58 -25.37
N ILE A 222 23.95 17.44 -25.35
CA ILE A 222 23.98 18.70 -26.08
C ILE A 222 25.15 19.59 -25.64
N PHE A 223 25.32 19.78 -24.33
CA PHE A 223 26.38 20.67 -23.84
C PHE A 223 27.76 20.01 -23.75
N THR A 224 27.85 18.68 -23.92
CA THR A 224 29.15 18.03 -24.12
C THR A 224 29.43 17.88 -25.62
N LEU A 225 28.53 18.36 -26.49
CA LEU A 225 28.64 18.30 -27.94
C LEU A 225 28.73 16.86 -28.44
N GLY A 226 27.82 16.02 -27.96
CA GLY A 226 27.73 14.62 -28.34
C GLY A 226 28.58 13.71 -27.47
N GLY A 227 28.73 14.07 -26.20
CA GLY A 227 29.53 13.27 -25.27
C GLY A 227 28.82 12.01 -24.83
N SER A 228 29.59 10.95 -24.57
CA SER A 228 29.02 9.69 -24.12
C SER A 228 28.70 9.78 -22.62
N PRO A 229 27.42 9.62 -22.20
CA PRO A 229 27.13 9.72 -20.75
C PRO A 229 27.85 8.66 -19.92
N TYR A 230 28.20 8.98 -18.66
CA TYR A 230 28.90 8.06 -17.74
C TYR A 230 30.05 7.34 -18.45
N PRO A 231 31.02 8.07 -19.04
CA PRO A 231 32.05 7.42 -19.85
C PRO A 231 33.03 6.55 -19.04
N GLY A 232 33.23 5.32 -19.53
CA GLY A 232 34.15 4.38 -18.90
C GLY A 232 33.50 3.54 -17.81
N ILE A 233 32.42 4.04 -17.20
CA ILE A 233 31.73 3.35 -16.11
C ILE A 233 31.01 2.10 -16.62
N PRO A 234 31.32 0.87 -16.13
CA PRO A 234 30.56 -0.31 -16.59
C PRO A 234 29.08 -0.28 -16.20
N VAL A 235 28.24 -1.11 -16.83
CA VAL A 235 26.82 -1.13 -16.48
C VAL A 235 26.62 -1.59 -15.03
N GLU A 236 27.42 -2.57 -14.56
CA GLU A 236 27.35 -3.07 -13.18
C GLU A 236 27.54 -1.94 -12.17
N GLU A 237 28.57 -1.11 -12.36
CA GLU A 237 28.86 0.02 -11.46
C GLU A 237 27.80 1.11 -11.60
N LEU A 238 27.28 1.32 -12.82
CA LEU A 238 26.29 2.37 -13.08
C LEU A 238 25.02 2.15 -12.26
N PHE A 239 24.57 0.90 -12.13
CA PHE A 239 23.38 0.59 -11.35
C PHE A 239 23.61 0.97 -9.88
N LYS A 240 24.80 0.67 -9.35
CA LYS A 240 25.19 1.01 -7.99
C LYS A 240 25.22 2.54 -7.80
N LEU A 241 25.83 3.26 -8.74
CA LEU A 241 25.96 4.71 -8.66
C LEU A 241 24.60 5.41 -8.65
N LEU A 242 23.66 4.98 -9.52
CA LEU A 242 22.35 5.63 -9.58
C LEU A 242 21.52 5.35 -8.33
N LYS A 243 21.60 4.14 -7.78
CA LYS A 243 20.89 3.78 -6.56
C LYS A 243 21.44 4.61 -5.37
N GLU A 244 22.74 4.94 -5.39
CA GLU A 244 23.37 5.73 -4.32
C GLU A 244 23.12 7.24 -4.44
N GLY A 245 22.60 7.70 -5.57
CA GLY A 245 22.29 9.11 -5.78
C GLY A 245 23.33 9.89 -6.56
N HIS A 246 24.30 9.21 -7.19
CA HIS A 246 25.34 9.90 -7.94
C HIS A 246 24.85 10.25 -9.34
N ARG A 247 25.15 11.48 -9.78
CA ARG A 247 24.72 12.02 -11.08
C ARG A 247 25.91 12.60 -11.84
N MET A 248 25.76 12.79 -13.15
CA MET A 248 26.86 13.30 -13.98
C MET A 248 27.25 14.72 -13.59
N ASP A 249 28.53 15.05 -13.76
CA ASP A 249 29.02 16.38 -13.44
C ASP A 249 28.63 17.38 -14.54
N LYS A 250 28.68 18.68 -14.21
CA LYS A 250 28.28 19.73 -15.13
C LYS A 250 29.23 19.79 -16.33
N PRO A 251 28.74 19.77 -17.59
CA PRO A 251 29.67 19.93 -18.71
C PRO A 251 30.46 21.23 -18.61
N ALA A 252 31.73 21.23 -19.03
CA ALA A 252 32.60 22.41 -18.90
C ALA A 252 31.96 23.70 -19.46
N ASN A 253 31.39 23.64 -20.67
CA ASN A 253 30.76 24.81 -21.27
C ASN A 253 29.25 24.77 -21.06
N CYS A 254 28.82 24.81 -19.79
CA CYS A 254 27.41 24.79 -19.44
C CYS A 254 27.17 25.74 -18.26
N THR A 255 26.12 26.55 -18.33
CA THR A 255 25.80 27.49 -17.26
C THR A 255 25.22 26.79 -16.04
N HIS A 256 25.30 27.42 -14.87
CA HIS A 256 24.77 26.84 -13.64
C HIS A 256 23.25 26.64 -13.74
N ASP A 257 22.53 27.63 -14.28
CA ASP A 257 21.08 27.54 -14.40
C ASP A 257 20.66 26.35 -15.27
N LEU A 258 21.42 26.06 -16.35
CA LEU A 258 21.12 24.93 -17.21
C LEU A 258 21.42 23.60 -16.54
N TYR A 259 22.50 23.54 -15.74
CA TYR A 259 22.84 22.31 -15.01
C TYR A 259 21.80 22.03 -13.93
N MET A 260 21.11 23.05 -13.41
CA MET A 260 20.05 22.84 -12.41
C MET A 260 18.82 22.25 -13.11
N ILE A 261 18.59 22.57 -14.40
CA ILE A 261 17.52 21.96 -15.18
C ILE A 261 17.88 20.47 -15.38
N MET A 262 19.15 20.16 -15.69
CA MET A 262 19.58 18.77 -15.84
C MET A 262 19.42 18.02 -14.53
N ARG A 263 19.87 18.64 -13.43
CA ARG A 263 19.83 18.05 -12.10
C ARG A 263 18.38 17.82 -11.65
N GLU A 264 17.45 18.65 -12.11
CA GLU A 264 16.03 18.51 -11.79
C GLU A 264 15.45 17.32 -12.56
N CYS A 265 15.88 17.09 -13.82
CA CYS A 265 15.42 15.94 -14.59
C CYS A 265 15.86 14.62 -13.94
N TRP A 266 16.95 14.63 -13.14
CA TRP A 266 17.47 13.42 -12.54
C TRP A 266 17.07 13.21 -11.08
N HIS A 267 15.91 13.70 -10.66
CA HIS A 267 15.41 13.42 -9.32
C HIS A 267 14.97 11.96 -9.29
N ALA A 268 15.30 11.20 -8.24
CA ALA A 268 14.91 9.80 -8.15
C ALA A 268 13.38 9.68 -8.17
N ALA A 269 12.68 10.60 -7.50
CA ALA A 269 11.22 10.63 -7.46
C ALA A 269 10.69 11.22 -8.78
N PRO A 270 10.00 10.43 -9.62
CA PRO A 270 9.54 10.96 -10.91
C PRO A 270 8.75 12.28 -10.86
N SER A 271 7.82 12.43 -9.91
CA SER A 271 7.00 13.64 -9.82
C SER A 271 7.85 14.88 -9.50
N GLN A 272 8.97 14.71 -8.78
CA GLN A 272 9.86 15.83 -8.46
C GLN A 272 10.60 16.35 -9.70
N ARG A 273 10.63 15.57 -10.79
CA ARG A 273 11.23 16.02 -12.05
C ARG A 273 10.23 16.98 -12.71
N PRO A 274 10.68 17.94 -13.55
CA PRO A 274 9.72 18.83 -14.21
C PRO A 274 8.99 18.15 -15.35
N THR A 275 7.80 18.65 -15.71
CA THR A 275 7.07 18.13 -16.86
C THR A 275 7.69 18.72 -18.12
N PHE A 276 7.40 18.16 -19.31
CA PHE A 276 7.95 18.72 -20.54
C PHE A 276 7.40 20.14 -20.79
N LYS A 277 6.18 20.43 -20.32
CA LYS A 277 5.63 21.79 -20.41
C LYS A 277 6.51 22.76 -19.61
N GLN A 278 6.96 22.32 -18.42
CA GLN A 278 7.84 23.11 -17.56
C GLN A 278 9.25 23.22 -18.15
N LEU A 279 9.75 22.17 -18.82
CA LEU A 279 11.07 22.21 -19.45
C LEU A 279 11.09 23.20 -20.62
N VAL A 280 10.02 23.22 -21.43
CA VAL A 280 9.87 24.18 -22.53
C VAL A 280 9.93 25.61 -21.97
N GLU A 281 9.26 25.80 -20.83
CA GLU A 281 9.19 27.08 -20.14
C GLU A 281 10.55 27.49 -19.58
N ASP A 282 11.28 26.55 -18.97
CA ASP A 282 12.60 26.81 -18.41
C ASP A 282 13.60 27.16 -19.53
N LEU A 283 13.64 26.36 -20.61
CA LEU A 283 14.54 26.62 -21.74
C LEU A 283 14.13 27.88 -22.52
N ASP A 284 12.85 28.28 -22.46
CA ASP A 284 12.39 29.50 -23.11
C ASP A 284 12.98 30.71 -22.36
N ARG A 285 12.97 30.70 -21.02
CA ARG A 285 13.54 31.80 -20.26
C ARG A 285 15.05 31.90 -20.48
N VAL A 286 15.76 30.77 -20.67
CA VAL A 286 17.20 30.80 -20.92
C VAL A 286 17.46 31.52 -22.26
N LEU A 287 16.62 31.29 -23.27
CA LEU A 287 16.76 31.93 -24.58
C LEU A 287 16.46 33.44 -24.52
N THR A 288 15.53 33.86 -23.66
CA THR A 288 15.18 35.28 -23.57
C THR A 288 16.26 36.07 -22.85
N VAL A 289 16.76 35.55 -21.73
CA VAL A 289 17.77 36.22 -20.91
C VAL A 289 19.01 36.56 -21.75
N THR A 290 19.41 35.66 -22.65
CA THR A 290 20.50 35.96 -23.57
C THR A 290 19.99 36.96 -24.62
N SER A 291 20.46 38.22 -24.54
CA SER A 291 20.02 39.28 -25.44
C SER A 291 21.10 40.35 -25.54
N LEU B 4 7.24 -10.17 30.93
CA LEU B 4 5.82 -10.04 30.58
C LEU B 4 5.64 -8.80 29.70
N GLU B 5 6.00 -7.61 30.23
CA GLU B 5 5.88 -6.34 29.50
C GLU B 5 4.48 -6.18 28.85
N LEU B 6 3.32 -6.34 29.57
CA LEU B 6 2.04 -6.19 28.86
C LEU B 6 1.19 -5.06 29.42
N PRO B 7 0.42 -4.35 28.59
CA PRO B 7 -0.49 -3.33 29.14
C PRO B 7 -1.73 -3.95 29.76
N ALA B 8 -2.25 -3.36 30.83
CA ALA B 8 -3.47 -3.85 31.47
C ALA B 8 -4.64 -2.99 31.08
N ASP B 9 -5.79 -3.60 30.87
CA ASP B 9 -7.00 -2.82 30.61
C ASP B 9 -7.94 -3.23 31.71
N PRO B 10 -8.22 -2.33 32.64
CA PRO B 10 -9.04 -2.72 33.78
C PRO B 10 -10.38 -3.38 33.44
N LYS B 11 -11.11 -2.88 32.43
CA LYS B 11 -12.40 -3.45 32.08
C LYS B 11 -12.32 -4.92 31.67
N TRP B 12 -11.11 -5.42 31.34
CA TRP B 12 -10.93 -6.82 30.97
C TRP B 12 -10.09 -7.60 31.97
N GLU B 13 -9.29 -6.92 32.80
CA GLU B 13 -8.41 -7.61 33.74
C GLU B 13 -9.17 -8.38 34.82
N LEU B 14 -8.77 -9.62 35.07
CA LEU B 14 -9.40 -10.40 36.12
C LEU B 14 -8.32 -10.78 37.13
N SER B 15 -8.61 -10.65 38.43
CA SER B 15 -7.64 -10.98 39.47
C SER B 15 -7.35 -12.47 39.42
N ARG B 16 -6.09 -12.85 39.61
CA ARG B 16 -5.70 -14.25 39.57
C ARG B 16 -6.33 -15.05 40.71
N ALA B 17 -6.65 -14.39 41.84
CA ALA B 17 -7.34 -15.03 42.96
C ALA B 17 -8.75 -15.48 42.54
N ARG B 18 -9.35 -14.81 41.54
CA ARG B 18 -10.68 -15.14 41.03
C ARG B 18 -10.65 -16.27 39.97
N LEU B 19 -9.46 -16.71 39.52
CA LEU B 19 -9.34 -17.78 38.52
C LEU B 19 -8.65 -19.02 39.12
N THR B 20 -9.25 -20.20 38.92
CA THR B 20 -8.65 -21.46 39.34
C THR B 20 -8.65 -22.38 38.11
N LEU B 21 -7.44 -22.71 37.61
CA LEU B 21 -7.29 -23.48 36.39
C LEU B 21 -7.62 -24.95 36.64
N GLY B 22 -8.22 -25.59 35.64
CA GLY B 22 -8.69 -26.97 35.75
C GLY B 22 -8.07 -27.94 34.76
N LYS B 23 -8.90 -28.82 34.19
CA LYS B 23 -8.48 -29.91 33.30
C LYS B 23 -8.14 -29.44 31.87
N PRO B 24 -7.07 -29.94 31.20
CA PRO B 24 -6.83 -29.53 29.81
C PRO B 24 -7.98 -29.94 28.89
N LEU B 25 -8.40 -29.04 27.99
CA LEU B 25 -9.48 -29.37 27.05
C LEU B 25 -8.88 -29.98 25.79
N GLY B 26 -9.31 -31.19 25.46
CA GLY B 26 -8.82 -31.90 24.29
C GLY B 26 -7.41 -32.46 24.45
N GLU B 27 -7.14 -33.59 23.76
CA GLU B 27 -5.83 -34.23 23.79
C GLU B 27 -4.88 -33.51 22.85
N GLY B 28 -5.36 -33.08 21.69
CA GLY B 28 -4.55 -32.34 20.72
C GLY B 28 -4.16 -30.97 21.24
N CYS B 29 -3.01 -30.44 20.80
CA CYS B 29 -2.47 -29.15 21.25
C CYS B 29 -2.61 -28.92 22.77
N PHE B 30 -2.30 -29.97 23.55
CA PHE B 30 -2.41 -29.91 25.01
C PHE B 30 -1.36 -28.96 25.60
N GLY B 31 -1.73 -28.26 26.67
CA GLY B 31 -0.85 -27.29 27.32
C GLY B 31 -1.23 -25.85 27.01
N GLN B 32 -2.05 -25.63 25.95
CA GLN B 32 -2.47 -24.27 25.59
C GLN B 32 -3.88 -23.96 26.12
N VAL B 33 -4.87 -24.85 25.92
CA VAL B 33 -6.23 -24.54 26.35
C VAL B 33 -6.66 -25.43 27.53
N VAL B 34 -7.17 -24.84 28.63
CA VAL B 34 -7.64 -25.59 29.80
C VAL B 34 -9.03 -25.10 30.26
N MET B 35 -9.77 -25.96 31.00
CA MET B 35 -11.07 -25.58 31.59
C MET B 35 -10.76 -24.76 32.85
N ALA B 36 -11.67 -23.88 33.30
CA ALA B 36 -11.40 -23.04 34.48
C ALA B 36 -12.67 -22.43 35.07
N GLU B 37 -12.61 -21.98 36.34
CA GLU B 37 -13.72 -21.31 37.03
C GLU B 37 -13.31 -19.88 37.32
N ALA B 38 -14.19 -18.91 37.03
CA ALA B 38 -13.87 -17.50 37.24
C ALA B 38 -14.94 -16.80 38.07
N ILE B 39 -14.52 -15.89 38.96
CA ILE B 39 -15.42 -15.14 39.82
C ILE B 39 -15.38 -13.66 39.43
N GLY B 40 -16.55 -13.04 39.32
CA GLY B 40 -16.67 -11.62 39.02
C GLY B 40 -16.76 -11.25 37.55
N ILE B 41 -16.98 -12.22 36.67
CA ILE B 41 -17.12 -11.95 35.23
C ILE B 41 -18.51 -11.36 34.97
N ASP B 42 -19.56 -12.05 35.43
CA ASP B 42 -20.93 -11.57 35.28
C ASP B 42 -21.26 -10.67 36.48
N LYS B 43 -21.91 -9.53 36.24
CA LYS B 43 -22.20 -8.56 37.30
C LYS B 43 -23.33 -9.03 38.20
N ASP B 44 -24.36 -9.64 37.61
CA ASP B 44 -25.53 -10.14 38.34
C ASP B 44 -25.12 -11.13 39.44
N ARG B 45 -24.24 -12.08 39.10
CA ARG B 45 -23.73 -13.07 40.05
C ARG B 45 -22.21 -12.96 40.13
N ALA B 46 -21.72 -11.89 40.77
CA ALA B 46 -20.28 -11.64 40.89
C ALA B 46 -19.57 -12.67 41.75
N ALA B 47 -20.21 -13.17 42.82
CA ALA B 47 -19.61 -14.16 43.71
C ALA B 47 -19.57 -15.57 43.10
N LYS B 48 -20.56 -15.88 42.24
CA LYS B 48 -20.70 -17.19 41.61
C LYS B 48 -19.56 -17.50 40.63
N PRO B 49 -19.05 -18.75 40.62
CA PRO B 49 -18.05 -19.11 39.60
C PRO B 49 -18.72 -19.39 38.25
N VAL B 50 -18.02 -19.07 37.14
CA VAL B 50 -18.50 -19.32 35.78
C VAL B 50 -17.48 -20.22 35.08
N THR B 51 -17.89 -21.38 34.50
CA THR B 51 -16.93 -22.24 33.82
C THR B 51 -16.54 -21.58 32.50
N VAL B 52 -15.23 -21.37 32.30
CA VAL B 52 -14.67 -20.68 31.12
C VAL B 52 -13.53 -21.52 30.52
N ALA B 53 -13.10 -21.17 29.30
CA ALA B 53 -11.96 -21.80 28.67
C ALA B 53 -10.78 -20.81 28.71
N VAL B 54 -9.60 -21.28 29.08
CA VAL B 54 -8.42 -20.43 29.20
C VAL B 54 -7.33 -20.81 28.20
N LYS B 55 -6.90 -19.85 27.38
CA LYS B 55 -5.80 -20.04 26.44
C LYS B 55 -4.55 -19.48 27.09
N MET B 56 -3.46 -20.25 27.07
CA MET B 56 -2.18 -19.85 27.64
C MET B 56 -1.06 -20.33 26.72
N LEU B 57 0.13 -19.76 26.87
CA LEU B 57 1.25 -20.10 26.02
C LEU B 57 2.02 -21.30 26.54
N LYS B 58 2.77 -21.96 25.66
CA LYS B 58 3.61 -23.08 26.04
C LYS B 58 4.83 -22.53 26.79
N ASP B 59 5.46 -23.34 27.64
CA ASP B 59 6.62 -22.90 28.41
C ASP B 59 7.75 -22.40 27.50
N ASP B 60 7.99 -23.09 26.37
CA ASP B 60 9.05 -22.71 25.45
C ASP B 60 8.52 -21.88 24.27
N ALA B 61 7.37 -21.23 24.41
CA ALA B 61 6.81 -20.42 23.32
C ALA B 61 7.69 -19.22 23.01
N THR B 62 7.63 -18.75 21.75
CA THR B 62 8.46 -17.65 21.25
C THR B 62 7.78 -16.29 21.52
N ASP B 63 8.51 -15.18 21.33
CA ASP B 63 7.94 -13.85 21.45
C ASP B 63 6.83 -13.65 20.41
N LYS B 64 6.93 -14.30 19.23
CA LYS B 64 5.88 -14.23 18.21
C LYS B 64 4.62 -14.90 18.75
N ASP B 65 4.76 -16.05 19.43
CA ASP B 65 3.61 -16.76 20.01
C ASP B 65 2.86 -15.86 20.99
N LEU B 66 3.59 -15.06 21.76
CA LEU B 66 2.99 -14.12 22.71
C LEU B 66 2.29 -12.99 21.97
N SER B 67 2.97 -12.35 20.99
CA SER B 67 2.38 -11.26 20.23
C SER B 67 1.14 -11.72 19.46
N ASP B 68 1.15 -12.95 18.94
CA ASP B 68 0.01 -13.52 18.22
C ASP B 68 -1.20 -13.68 19.13
N LEU B 69 -0.98 -14.15 20.37
CA LEU B 69 -2.06 -14.33 21.33
C LEU B 69 -2.63 -12.99 21.77
N VAL B 70 -1.76 -11.98 21.98
CA VAL B 70 -2.22 -10.65 22.37
C VAL B 70 -3.00 -10.02 21.21
N SER B 71 -2.48 -10.14 19.98
CA SER B 71 -3.15 -9.57 18.81
C SER B 71 -4.53 -10.20 18.59
N GLU B 72 -4.66 -11.52 18.81
CA GLU B 72 -5.93 -12.22 18.66
C GLU B 72 -6.92 -11.70 19.71
N MET B 73 -6.46 -11.52 20.95
CA MET B 73 -7.27 -10.99 22.05
C MET B 73 -7.72 -9.56 21.72
N GLU B 74 -6.81 -8.74 21.20
CA GLU B 74 -7.11 -7.35 20.86
C GLU B 74 -8.08 -7.25 19.71
N MET B 75 -7.99 -8.18 18.74
CA MET B 75 -8.91 -8.20 17.60
C MET B 75 -10.31 -8.62 18.07
N MET B 76 -10.42 -9.50 19.09
CA MET B 76 -11.71 -9.88 19.65
C MET B 76 -12.39 -8.69 20.34
N LYS B 77 -11.60 -7.80 20.96
CA LYS B 77 -12.13 -6.59 21.59
C LYS B 77 -12.71 -5.65 20.52
N MET B 78 -12.04 -5.54 19.36
CA MET B 78 -12.51 -4.70 18.27
C MET B 78 -13.78 -5.25 17.63
N ILE B 79 -13.81 -6.56 17.37
CA ILE B 79 -14.94 -7.21 16.71
C ILE B 79 -16.22 -7.09 17.54
N GLY B 80 -16.11 -7.23 18.85
CA GLY B 80 -17.27 -7.13 19.72
C GLY B 80 -17.90 -8.49 20.00
N LYS B 81 -19.06 -8.48 20.67
CA LYS B 81 -19.71 -9.73 21.03
C LYS B 81 -20.93 -10.07 20.18
N HIS B 82 -21.13 -11.37 19.96
CA HIS B 82 -22.30 -11.92 19.27
C HIS B 82 -22.56 -13.32 19.83
N LYS B 83 -23.82 -13.71 19.93
CA LYS B 83 -24.19 -15.01 20.49
C LYS B 83 -23.52 -16.17 19.75
N ASN B 84 -23.49 -16.14 18.42
CA ASN B 84 -22.95 -17.25 17.64
C ASN B 84 -21.45 -17.16 17.35
N ILE B 85 -20.68 -16.45 18.17
CA ILE B 85 -19.21 -16.40 18.08
C ILE B 85 -18.67 -16.68 19.49
N ILE B 86 -17.48 -17.31 19.60
CA ILE B 86 -16.86 -17.52 20.92
C ILE B 86 -16.39 -16.15 21.39
N ASN B 87 -16.83 -15.71 22.58
CA ASN B 87 -16.53 -14.38 23.07
C ASN B 87 -15.43 -14.31 24.12
N LEU B 88 -14.72 -13.18 24.13
CA LEU B 88 -13.69 -12.89 25.11
C LEU B 88 -14.39 -12.52 26.40
N LEU B 89 -13.99 -13.11 27.53
CA LEU B 89 -14.60 -12.83 28.83
C LEU B 89 -13.67 -12.08 29.79
N GLY B 90 -12.36 -12.18 29.57
CA GLY B 90 -11.39 -11.51 30.43
C GLY B 90 -9.97 -11.97 30.17
N ALA B 91 -9.02 -11.45 30.95
CA ALA B 91 -7.62 -11.82 30.79
C ALA B 91 -6.82 -11.51 32.05
N CYS B 92 -5.77 -12.31 32.32
CA CYS B 92 -4.84 -12.07 33.41
C CYS B 92 -3.51 -11.72 32.75
N THR B 93 -3.20 -10.43 32.66
CA THR B 93 -2.00 -9.95 31.96
C THR B 93 -0.91 -9.45 32.92
N GLN B 94 -1.21 -9.29 34.21
CA GLN B 94 -0.26 -8.73 35.17
C GLN B 94 0.09 -9.71 36.27
N GLY B 95 1.34 -9.70 36.71
CA GLY B 95 1.81 -10.51 37.83
C GLY B 95 1.73 -12.01 37.63
N GLY B 96 2.08 -12.48 36.45
CA GLY B 96 2.06 -13.90 36.14
C GLY B 96 1.94 -14.20 34.66
N PRO B 97 1.74 -15.48 34.29
CA PRO B 97 1.60 -15.80 32.86
C PRO B 97 0.31 -15.27 32.26
N LEU B 98 0.32 -15.00 30.95
CA LEU B 98 -0.86 -14.46 30.28
C LEU B 98 -1.93 -15.55 30.14
N TYR B 99 -3.14 -15.25 30.61
CA TYR B 99 -4.29 -16.15 30.48
C TYR B 99 -5.40 -15.39 29.78
N VAL B 100 -5.89 -15.91 28.64
CA VAL B 100 -6.98 -15.27 27.93
C VAL B 100 -8.24 -16.12 28.11
N LEU B 101 -9.29 -15.52 28.68
CA LEU B 101 -10.54 -16.23 28.96
C LEU B 101 -11.53 -16.09 27.81
N VAL B 102 -12.10 -17.21 27.36
CA VAL B 102 -13.13 -17.22 26.32
C VAL B 102 -14.30 -18.10 26.80
N GLU B 103 -15.46 -18.00 26.15
CA GLU B 103 -16.63 -18.76 26.55
C GLU B 103 -16.39 -20.26 26.44
N TYR B 104 -16.88 -21.02 27.43
CA TYR B 104 -16.70 -22.47 27.48
C TYR B 104 -17.80 -23.17 26.66
N ALA B 105 -17.40 -24.09 25.80
CA ALA B 105 -18.34 -24.86 25.00
C ALA B 105 -18.26 -26.32 25.41
N ALA B 106 -19.19 -26.75 26.27
CA ALA B 106 -19.19 -28.10 26.84
C ALA B 106 -19.25 -29.24 25.82
N LYS B 107 -20.03 -29.10 24.73
CA LYS B 107 -20.24 -30.21 23.79
C LYS B 107 -19.20 -30.30 22.65
N GLY B 108 -18.03 -29.69 22.83
CA GLY B 108 -16.94 -29.80 21.88
C GLY B 108 -17.17 -29.14 20.53
N ASN B 109 -16.36 -29.49 19.52
CA ASN B 109 -16.52 -28.90 18.19
C ASN B 109 -17.69 -29.52 17.44
N LEU B 110 -18.21 -28.81 16.43
CA LEU B 110 -19.37 -29.22 15.67
C LEU B 110 -19.19 -30.57 14.97
N ARG B 111 -17.98 -30.88 14.47
CA ARG B 111 -17.75 -32.15 13.79
C ARG B 111 -17.92 -33.33 14.76
N GLU B 112 -17.35 -33.24 15.96
CA GLU B 112 -17.48 -34.31 16.95
C GLU B 112 -18.89 -34.35 17.52
N PHE B 113 -19.53 -33.18 17.72
CA PHE B 113 -20.91 -33.08 18.20
C PHE B 113 -21.85 -33.81 17.25
N LEU B 114 -21.63 -33.67 15.93
CA LEU B 114 -22.45 -34.33 14.92
C LEU B 114 -22.15 -35.83 14.85
N ARG B 115 -20.87 -36.20 14.86
CA ARG B 115 -20.47 -37.61 14.78
C ARG B 115 -20.98 -38.42 15.97
N ALA B 116 -20.99 -37.82 17.16
CA ALA B 116 -21.50 -38.48 18.36
C ALA B 116 -23.01 -38.66 18.29
N ARG B 117 -23.72 -37.73 17.63
CA ARG B 117 -25.17 -37.77 17.51
C ARG B 117 -25.66 -38.39 16.21
N ARG B 118 -24.83 -39.23 15.57
CA ARG B 118 -25.27 -39.98 14.39
C ARG B 118 -26.21 -41.11 14.83
N SER B 119 -25.97 -41.68 16.02
CA SER B 119 -26.76 -42.76 16.60
C SER B 119 -26.97 -42.51 18.10
N GLY B 120 -28.01 -43.11 18.66
CA GLY B 120 -28.31 -43.00 20.08
C GLY B 120 -29.58 -42.23 20.37
N GLU B 121 -29.76 -41.82 21.64
CA GLU B 121 -30.96 -41.10 22.05
C GLU B 121 -30.96 -39.66 21.52
N GLU B 122 -29.83 -38.95 21.61
CA GLU B 122 -29.77 -37.58 21.10
C GLU B 122 -29.36 -37.61 19.64
N GLN B 123 -30.34 -37.77 18.73
CA GLN B 123 -30.10 -37.77 17.30
C GLN B 123 -30.74 -36.52 16.73
N LEU B 124 -29.97 -35.73 15.98
CA LEU B 124 -30.47 -34.47 15.48
C LEU B 124 -31.53 -34.63 14.41
N THR B 125 -32.60 -33.85 14.52
CA THR B 125 -33.66 -33.85 13.53
C THR B 125 -33.18 -33.01 12.34
N PHE B 126 -33.91 -33.03 11.23
CA PHE B 126 -33.58 -32.18 10.09
C PHE B 126 -33.61 -30.70 10.50
N LYS B 127 -34.60 -30.32 11.30
CA LYS B 127 -34.73 -28.95 11.78
C LYS B 127 -33.54 -28.55 12.67
N ASP B 128 -33.03 -29.48 13.49
CA ASP B 128 -31.87 -29.22 14.33
C ASP B 128 -30.63 -28.96 13.48
N LEU B 129 -30.47 -29.69 12.37
CA LEU B 129 -29.33 -29.50 11.47
C LEU B 129 -29.45 -28.18 10.71
N VAL B 130 -30.67 -27.77 10.35
CA VAL B 130 -30.87 -26.48 9.68
C VAL B 130 -30.60 -25.35 10.68
N SER B 131 -30.99 -25.54 11.96
CA SER B 131 -30.74 -24.57 13.02
C SER B 131 -29.25 -24.32 13.18
N CYS B 132 -28.42 -25.37 13.06
CA CYS B 132 -26.97 -25.24 13.16
C CYS B 132 -26.44 -24.35 12.05
N ALA B 133 -26.88 -24.62 10.81
CA ALA B 133 -26.46 -23.83 9.65
C ALA B 133 -26.87 -22.37 9.81
N TYR B 134 -28.11 -22.12 10.29
CA TYR B 134 -28.60 -20.76 10.49
C TYR B 134 -27.76 -20.01 11.53
N GLN B 135 -27.38 -20.69 12.62
CA GLN B 135 -26.58 -20.07 13.68
C GLN B 135 -25.17 -19.75 13.20
N VAL B 136 -24.53 -20.66 12.45
CA VAL B 136 -23.18 -20.42 11.93
C VAL B 136 -23.24 -19.26 10.93
N ALA B 137 -24.29 -19.22 10.09
CA ALA B 137 -24.47 -18.13 9.14
C ALA B 137 -24.67 -16.80 9.86
N ARG B 138 -25.45 -16.78 10.96
CA ARG B 138 -25.67 -15.55 11.72
C ARG B 138 -24.38 -15.02 12.34
N GLY B 139 -23.58 -15.91 12.90
CA GLY B 139 -22.30 -15.53 13.49
C GLY B 139 -21.33 -15.04 12.44
N MET B 140 -21.35 -15.67 11.25
CA MET B 140 -20.49 -15.26 10.15
C MET B 140 -20.96 -13.92 9.58
N GLU B 141 -22.28 -13.69 9.54
CA GLU B 141 -22.84 -12.42 9.08
C GLU B 141 -22.35 -11.28 9.98
N TYR B 142 -22.31 -11.52 11.30
CA TYR B 142 -21.82 -10.54 12.25
C TYR B 142 -20.33 -10.30 12.03
N LEU B 143 -19.53 -11.36 11.89
CA LEU B 143 -18.09 -11.22 11.67
C LEU B 143 -17.81 -10.47 10.37
N ALA B 144 -18.55 -10.77 9.29
CA ALA B 144 -18.38 -10.08 8.02
C ALA B 144 -18.73 -8.59 8.18
N SER B 145 -19.81 -8.28 8.92
CA SER B 145 -20.21 -6.91 9.17
C SER B 145 -19.14 -6.14 9.96
N GLN B 146 -18.39 -6.84 10.83
CA GLN B 146 -17.32 -6.20 11.59
C GLN B 146 -15.97 -6.26 10.86
N LYS B 147 -15.98 -6.41 9.52
CA LYS B 147 -14.78 -6.44 8.69
C LYS B 147 -13.83 -7.55 9.10
N CYS B 148 -14.35 -8.75 9.38
CA CYS B 148 -13.54 -9.89 9.81
C CYS B 148 -13.67 -11.07 8.85
N ILE B 149 -12.53 -11.62 8.42
CA ILE B 149 -12.51 -12.81 7.56
C ILE B 149 -11.90 -13.95 8.38
N HIS B 150 -12.64 -15.05 8.55
CA HIS B 150 -12.18 -16.19 9.35
C HIS B 150 -10.98 -16.88 8.71
N ARG B 151 -11.04 -17.11 7.38
CA ARG B 151 -9.97 -17.76 6.61
C ARG B 151 -9.88 -19.28 6.81
N ASP B 152 -10.62 -19.84 7.78
CA ASP B 152 -10.64 -21.28 7.99
C ASP B 152 -11.97 -21.70 8.64
N LEU B 153 -13.08 -21.44 7.94
CA LEU B 153 -14.40 -21.80 8.48
C LEU B 153 -14.67 -23.27 8.20
N ALA B 154 -14.86 -24.05 9.26
CA ALA B 154 -15.10 -25.49 9.17
C ALA B 154 -15.85 -25.95 10.43
N ALA B 155 -16.39 -27.18 10.44
CA ALA B 155 -17.10 -27.68 11.62
C ALA B 155 -16.16 -27.76 12.82
N ARG B 156 -14.89 -28.13 12.59
CA ARG B 156 -13.86 -28.18 13.64
C ARG B 156 -13.67 -26.82 14.35
N ASN B 157 -13.94 -25.71 13.65
CA ASN B 157 -13.78 -24.38 14.23
C ASN B 157 -15.12 -23.76 14.67
N VAL B 158 -16.14 -24.57 14.90
CA VAL B 158 -17.44 -24.13 15.44
C VAL B 158 -17.64 -24.95 16.70
N LEU B 159 -17.79 -24.30 17.86
CA LEU B 159 -17.97 -25.02 19.12
C LEU B 159 -19.43 -25.01 19.56
N VAL B 160 -19.88 -26.06 20.27
CA VAL B 160 -21.27 -26.19 20.72
C VAL B 160 -21.33 -26.10 22.25
N THR B 161 -22.19 -25.22 22.79
CA THR B 161 -22.34 -25.05 24.24
C THR B 161 -23.29 -26.11 24.80
N GLU B 162 -23.43 -26.18 26.15
CA GLU B 162 -24.35 -27.12 26.78
C GLU B 162 -25.79 -26.86 26.31
N ASP B 163 -26.12 -25.58 26.07
CA ASP B 163 -27.43 -25.14 25.57
C ASP B 163 -27.62 -25.42 24.05
N ASN B 164 -26.64 -26.07 23.40
CA ASN B 164 -26.65 -26.35 21.96
C ASN B 164 -26.63 -25.08 21.09
N VAL B 165 -25.82 -24.08 21.47
CA VAL B 165 -25.66 -22.84 20.72
C VAL B 165 -24.37 -22.91 19.92
N MET B 166 -24.44 -22.72 18.60
CA MET B 166 -23.24 -22.77 17.76
C MET B 166 -22.44 -21.49 17.97
N LYS B 167 -21.13 -21.62 18.16
CA LYS B 167 -20.25 -20.47 18.33
C LYS B 167 -18.97 -20.63 17.50
N ILE B 168 -18.75 -19.74 16.54
CA ILE B 168 -17.57 -19.79 15.69
C ILE B 168 -16.33 -19.41 16.51
N ALA B 169 -15.30 -20.26 16.47
CA ALA B 169 -14.07 -20.08 17.25
C ALA B 169 -12.89 -19.70 16.37
N ASP B 170 -11.86 -19.07 16.96
CA ASP B 170 -10.61 -18.70 16.30
C ASP B 170 -10.82 -17.81 15.06
N PHE B 171 -11.74 -16.84 15.13
CA PHE B 171 -11.98 -15.92 14.01
C PHE B 171 -10.93 -14.81 13.95
N GLY B 172 -10.47 -14.35 15.11
CA GLY B 172 -9.47 -13.30 15.19
C GLY B 172 -8.04 -13.79 14.99
N LEU B 173 -7.83 -15.10 14.75
CA LEU B 173 -6.49 -15.63 14.55
C LEU B 173 -5.90 -15.19 13.21
N ALA B 174 -4.62 -14.82 13.21
CA ALA B 174 -3.89 -14.52 11.98
C ALA B 174 -3.13 -15.77 11.58
N ARG B 175 -3.56 -16.41 10.50
CA ARG B 175 -3.03 -17.71 10.09
C ARG B 175 -1.92 -17.60 9.06
N ASP B 176 -0.92 -18.49 9.15
CA ASP B 176 0.16 -18.52 8.18
C ASP B 176 -0.36 -19.10 6.88
N VAL B 177 -0.23 -18.33 5.79
CA VAL B 177 -0.67 -18.77 4.47
C VAL B 177 0.53 -19.40 3.75
N HIS B 178 0.34 -20.57 3.13
CA HIS B 178 1.44 -21.31 2.51
C HIS B 178 1.25 -21.51 1.00
N ASN B 179 2.29 -22.00 0.31
CA ASN B 179 2.25 -22.25 -1.14
C ASN B 179 1.64 -23.62 -1.46
N LEU B 180 1.28 -23.88 -2.72
CA LEU B 180 0.70 -25.18 -3.10
C LEU B 180 1.67 -26.33 -2.87
N ASP B 181 2.97 -26.10 -3.06
CA ASP B 181 3.97 -27.15 -2.88
C ASP B 181 3.97 -27.66 -1.43
N TYR B 182 3.72 -26.75 -0.48
CA TYR B 182 3.61 -27.07 0.94
C TYR B 182 2.49 -28.09 1.17
N TYR B 183 1.34 -27.93 0.50
CA TYR B 183 0.24 -28.88 0.64
C TYR B 183 0.61 -30.21 0.00
N LYS B 184 -0.08 -31.29 0.39
CA LYS B 184 0.28 -32.64 -0.04
C LYS B 184 1.52 -33.14 0.74
N LYS B 185 2.06 -32.32 1.69
CA LYS B 185 3.20 -32.69 2.55
C LYS B 185 2.97 -34.07 3.19
N THR B 186 1.75 -34.34 3.67
CA THR B 186 1.31 -35.63 4.19
C THR B 186 2.39 -36.41 4.95
N ARG B 190 -2.57 -28.84 5.24
CA ARG B 190 -3.01 -30.11 4.67
C ARG B 190 -4.55 -30.27 4.72
N LEU B 191 -5.14 -30.34 5.93
CA LEU B 191 -6.60 -30.48 6.05
C LEU B 191 -7.33 -29.20 5.61
N PRO B 192 -6.84 -27.98 5.92
CA PRO B 192 -7.58 -26.77 5.51
C PRO B 192 -7.86 -26.63 4.02
N VAL B 193 -7.14 -27.37 3.17
CA VAL B 193 -7.28 -27.27 1.71
C VAL B 193 -8.71 -27.59 1.24
N LYS B 194 -9.35 -28.61 1.85
CA LYS B 194 -10.69 -29.05 1.42
C LYS B 194 -11.74 -27.94 1.60
N TRP B 195 -11.51 -27.02 2.56
CA TRP B 195 -12.43 -25.93 2.85
C TRP B 195 -12.09 -24.64 2.11
N MET B 196 -10.87 -24.52 1.59
CA MET B 196 -10.42 -23.29 0.92
C MET B 196 -11.07 -23.06 -0.43
N ALA B 197 -11.41 -21.80 -0.72
CA ALA B 197 -11.99 -21.40 -2.01
C ALA B 197 -10.89 -21.46 -3.07
N PRO B 198 -11.20 -21.66 -4.37
CA PRO B 198 -10.11 -21.72 -5.36
C PRO B 198 -9.20 -20.49 -5.37
N GLU B 199 -9.75 -19.28 -5.22
CA GLU B 199 -8.93 -18.07 -5.20
C GLU B 199 -8.02 -18.00 -3.99
N ALA B 200 -8.47 -18.50 -2.83
CA ALA B 200 -7.63 -18.53 -1.62
C ALA B 200 -6.56 -19.63 -1.75
N LEU B 201 -6.94 -20.78 -2.33
CA LEU B 201 -6.04 -21.92 -2.49
C LEU B 201 -4.97 -21.69 -3.54
N PHE B 202 -5.33 -21.12 -4.71
CA PHE B 202 -4.38 -20.94 -5.81
C PHE B 202 -3.74 -19.55 -5.85
N ASP B 203 -4.44 -18.51 -5.37
CA ASP B 203 -3.91 -17.14 -5.44
C ASP B 203 -3.79 -16.46 -4.08
N ARG B 204 -4.06 -17.17 -2.97
CA ARG B 204 -3.95 -16.61 -1.63
C ARG B 204 -4.84 -15.38 -1.45
N VAL B 205 -6.00 -15.36 -2.12
CA VAL B 205 -6.96 -14.27 -2.05
C VAL B 205 -8.06 -14.61 -1.06
N TYR B 206 -8.18 -13.85 0.03
CA TYR B 206 -9.19 -14.07 1.06
C TYR B 206 -10.15 -12.90 1.15
N THR B 207 -11.45 -13.19 0.98
CA THR B 207 -12.53 -12.21 1.08
C THR B 207 -13.67 -12.84 1.90
N HIS B 208 -14.73 -12.08 2.21
CA HIS B 208 -15.90 -12.67 2.87
C HIS B 208 -16.57 -13.68 1.92
N GLN B 209 -16.39 -13.55 0.60
CA GLN B 209 -16.95 -14.50 -0.35
C GLN B 209 -16.18 -15.82 -0.36
N SER B 210 -14.88 -15.80 -0.02
CA SER B 210 -14.11 -17.03 0.10
C SER B 210 -14.54 -17.80 1.37
N ASP B 211 -14.95 -17.07 2.43
CA ASP B 211 -15.51 -17.70 3.63
C ASP B 211 -16.87 -18.36 3.31
N VAL B 212 -17.61 -17.80 2.34
CA VAL B 212 -18.89 -18.35 1.90
C VAL B 212 -18.66 -19.72 1.26
N TRP B 213 -17.56 -19.89 0.48
CA TRP B 213 -17.21 -21.19 -0.08
C TRP B 213 -17.00 -22.19 1.06
N SER B 214 -16.22 -21.79 2.08
CA SER B 214 -15.96 -22.63 3.24
C SER B 214 -17.26 -22.96 3.97
N PHE B 215 -18.21 -22.01 4.00
CA PHE B 215 -19.52 -22.24 4.62
C PHE B 215 -20.29 -23.31 3.85
N GLY B 216 -20.18 -23.34 2.53
CA GLY B 216 -20.79 -24.37 1.72
C GLY B 216 -20.26 -25.75 2.04
N VAL B 217 -18.94 -25.85 2.26
CA VAL B 217 -18.31 -27.10 2.67
C VAL B 217 -18.78 -27.46 4.08
N LEU B 218 -18.87 -26.46 4.97
CA LEU B 218 -19.35 -26.66 6.35
C LEU B 218 -20.80 -27.15 6.34
N LEU B 219 -21.65 -26.62 5.43
CA LEU B 219 -23.03 -27.07 5.28
C LEU B 219 -23.06 -28.55 4.90
N TRP B 220 -22.17 -28.95 3.99
CA TRP B 220 -22.04 -30.35 3.58
C TRP B 220 -21.67 -31.21 4.79
N GLU B 221 -20.75 -30.71 5.63
CA GLU B 221 -20.36 -31.39 6.87
C GLU B 221 -21.55 -31.60 7.79
N ILE B 222 -22.42 -30.58 7.91
CA ILE B 222 -23.59 -30.68 8.78
C ILE B 222 -24.55 -31.79 8.32
N PHE B 223 -24.94 -31.79 7.04
CA PHE B 223 -25.90 -32.78 6.54
C PHE B 223 -25.30 -34.17 6.27
N THR B 224 -23.97 -34.31 6.34
CA THR B 224 -23.33 -35.63 6.36
C THR B 224 -23.07 -36.06 7.83
N LEU B 225 -23.46 -35.22 8.81
CA LEU B 225 -23.28 -35.46 10.24
C LEU B 225 -21.79 -35.60 10.59
N GLY B 226 -20.99 -34.66 10.11
CA GLY B 226 -19.56 -34.63 10.35
C GLY B 226 -18.74 -35.42 9.35
N GLY B 227 -19.21 -35.46 8.11
CA GLY B 227 -18.53 -36.19 7.06
C GLY B 227 -17.28 -35.49 6.58
N SER B 228 -16.27 -36.25 6.15
CA SER B 228 -15.02 -35.67 5.65
C SER B 228 -15.24 -35.22 4.20
N PRO B 229 -15.08 -33.92 3.86
CA PRO B 229 -15.28 -33.51 2.46
C PRO B 229 -14.31 -34.18 1.50
N TYR B 230 -14.74 -34.40 0.25
CA TYR B 230 -13.92 -35.04 -0.80
C TYR B 230 -13.19 -36.28 -0.25
N PRO B 231 -13.91 -37.26 0.30
CA PRO B 231 -13.23 -38.38 0.97
C PRO B 231 -12.46 -39.31 0.03
N GLY B 232 -11.22 -39.60 0.38
CA GLY B 232 -10.35 -40.47 -0.41
C GLY B 232 -9.58 -39.75 -1.49
N ILE B 233 -10.09 -38.60 -1.96
CA ILE B 233 -9.45 -37.84 -3.03
C ILE B 233 -8.14 -37.20 -2.54
N PRO B 234 -6.96 -37.49 -3.15
CA PRO B 234 -5.73 -36.82 -2.70
C PRO B 234 -5.77 -35.31 -2.94
N VAL B 235 -4.94 -34.57 -2.21
CA VAL B 235 -4.88 -33.10 -2.30
C VAL B 235 -4.52 -32.67 -3.75
N GLU B 236 -3.59 -33.39 -4.40
CA GLU B 236 -3.21 -33.05 -5.77
C GLU B 236 -4.36 -33.23 -6.76
N GLU B 237 -5.07 -34.36 -6.65
CA GLU B 237 -6.19 -34.65 -7.54
C GLU B 237 -7.34 -33.63 -7.31
N LEU B 238 -7.50 -33.18 -6.06
CA LEU B 238 -8.52 -32.19 -5.66
C LEU B 238 -8.32 -30.86 -6.39
N PHE B 239 -7.06 -30.43 -6.58
CA PHE B 239 -6.80 -29.18 -7.30
C PHE B 239 -7.29 -29.28 -8.73
N LYS B 240 -7.06 -30.42 -9.37
CA LYS B 240 -7.50 -30.66 -10.74
C LYS B 240 -9.02 -30.70 -10.83
N LEU B 241 -9.70 -31.35 -9.87
CA LEU B 241 -11.16 -31.43 -9.85
C LEU B 241 -11.82 -30.07 -9.69
N LEU B 242 -11.31 -29.21 -8.79
CA LEU B 242 -11.92 -27.90 -8.57
C LEU B 242 -11.73 -26.99 -9.77
N LYS B 243 -10.54 -27.04 -10.41
CA LYS B 243 -10.28 -26.25 -11.61
C LYS B 243 -11.20 -26.66 -12.75
N GLU B 244 -11.56 -27.96 -12.82
CA GLU B 244 -12.45 -28.49 -13.86
C GLU B 244 -13.94 -28.22 -13.61
N GLY B 245 -14.30 -27.78 -12.40
CA GLY B 245 -15.67 -27.47 -12.05
C GLY B 245 -16.41 -28.56 -11.30
N HIS B 246 -15.69 -29.56 -10.77
CA HIS B 246 -16.32 -30.64 -10.03
C HIS B 246 -16.62 -30.22 -8.60
N ARG B 247 -17.81 -30.58 -8.10
CA ARG B 247 -18.25 -30.24 -6.75
C ARG B 247 -18.82 -31.48 -6.04
N MET B 248 -18.91 -31.43 -4.71
CA MET B 248 -19.38 -32.57 -3.93
C MET B 248 -20.84 -32.88 -4.25
N ASP B 249 -21.21 -34.16 -4.16
CA ASP B 249 -22.58 -34.59 -4.41
C ASP B 249 -23.46 -34.27 -3.20
N LYS B 250 -24.79 -34.25 -3.41
CA LYS B 250 -25.74 -33.92 -2.36
C LYS B 250 -25.72 -34.96 -1.26
N PRO B 251 -25.58 -34.60 0.04
CA PRO B 251 -25.68 -35.62 1.09
C PRO B 251 -27.00 -36.37 1.01
N ALA B 252 -27.01 -37.67 1.32
CA ALA B 252 -28.22 -38.50 1.21
C ALA B 252 -29.43 -37.88 1.94
N ASN B 253 -29.26 -37.43 3.18
CA ASN B 253 -30.36 -36.82 3.94
C ASN B 253 -30.28 -35.30 3.86
N CYS B 254 -30.42 -34.77 2.65
CA CYS B 254 -30.39 -33.33 2.41
C CYS B 254 -31.42 -32.97 1.34
N THR B 255 -32.21 -31.91 1.57
CA THR B 255 -33.23 -31.50 0.62
C THR B 255 -32.60 -30.82 -0.60
N HIS B 256 -33.35 -30.78 -1.71
CA HIS B 256 -32.86 -30.16 -2.94
C HIS B 256 -32.62 -28.66 -2.73
N ASP B 257 -33.54 -27.97 -2.04
CA ASP B 257 -33.38 -26.54 -1.81
C ASP B 257 -32.12 -26.22 -1.01
N LEU B 258 -31.75 -27.08 -0.05
CA LEU B 258 -30.54 -26.87 0.74
C LEU B 258 -29.29 -27.15 -0.08
N TYR B 259 -29.33 -28.15 -0.96
CA TYR B 259 -28.18 -28.43 -1.82
C TYR B 259 -27.96 -27.32 -2.85
N MET B 260 -29.02 -26.57 -3.22
CA MET B 260 -28.86 -25.43 -4.12
C MET B 260 -28.18 -24.27 -3.39
N ILE B 261 -28.38 -24.15 -2.06
CA ILE B 261 -27.67 -23.17 -1.24
C ILE B 261 -26.20 -23.58 -1.20
N MET B 262 -25.95 -24.87 -0.94
CA MET B 262 -24.62 -25.47 -0.88
C MET B 262 -23.88 -25.26 -2.20
N ARG B 263 -24.50 -25.63 -3.31
CA ARG B 263 -23.92 -25.54 -4.65
C ARG B 263 -23.76 -24.08 -5.10
N GLU B 264 -24.52 -23.14 -4.52
CA GLU B 264 -24.39 -21.71 -4.84
C GLU B 264 -23.16 -21.12 -4.18
N CYS B 265 -22.84 -21.56 -2.96
CA CYS B 265 -21.62 -21.15 -2.26
C CYS B 265 -20.37 -21.58 -3.03
N TRP B 266 -20.48 -22.62 -3.87
CA TRP B 266 -19.33 -23.12 -4.60
C TRP B 266 -19.24 -22.62 -6.04
N HIS B 267 -19.74 -21.41 -6.32
CA HIS B 267 -19.56 -20.81 -7.64
C HIS B 267 -18.09 -20.40 -7.76
N ALA B 268 -17.44 -20.66 -8.89
CA ALA B 268 -16.04 -20.28 -9.06
C ALA B 268 -15.87 -18.77 -8.94
N ALA B 269 -16.84 -18.00 -9.48
CA ALA B 269 -16.85 -16.55 -9.39
C ALA B 269 -17.30 -16.11 -7.99
N PRO B 270 -16.42 -15.51 -7.16
CA PRO B 270 -16.84 -15.15 -5.80
C PRO B 270 -18.13 -14.34 -5.66
N SER B 271 -18.33 -13.33 -6.52
CA SER B 271 -19.53 -12.48 -6.43
C SER B 271 -20.81 -13.28 -6.71
N GLN B 272 -20.73 -14.33 -7.53
CA GLN B 272 -21.89 -15.17 -7.82
C GLN B 272 -22.33 -16.01 -6.59
N ARG B 273 -21.46 -16.14 -5.58
CA ARG B 273 -21.82 -16.83 -4.34
C ARG B 273 -22.69 -15.87 -3.52
N PRO B 274 -23.57 -16.36 -2.64
CA PRO B 274 -24.38 -15.42 -1.83
C PRO B 274 -23.58 -14.81 -0.69
N THR B 275 -24.01 -13.64 -0.20
CA THR B 275 -23.36 -13.02 0.96
C THR B 275 -23.87 -13.74 2.22
N PHE B 276 -23.20 -13.58 3.37
CA PHE B 276 -23.69 -14.20 4.60
C PHE B 276 -25.05 -13.65 5.01
N LYS B 277 -25.34 -12.38 4.69
CA LYS B 277 -26.66 -11.81 4.92
C LYS B 277 -27.72 -12.59 4.14
N GLN B 278 -27.40 -12.95 2.89
CA GLN B 278 -28.29 -13.73 2.03
C GLN B 278 -28.39 -15.18 2.50
N LEU B 279 -27.31 -15.77 3.05
CA LEU B 279 -27.36 -17.13 3.56
C LEU B 279 -28.23 -17.23 4.80
N VAL B 280 -28.15 -16.23 5.69
CA VAL B 280 -29.01 -16.15 6.88
C VAL B 280 -30.48 -16.13 6.44
N GLU B 281 -30.74 -15.36 5.39
CA GLU B 281 -32.08 -15.19 4.82
C GLU B 281 -32.58 -16.49 4.18
N ASP B 282 -31.71 -17.18 3.43
CA ASP B 282 -32.08 -18.44 2.79
C ASP B 282 -32.37 -19.53 3.82
N LEU B 283 -31.51 -19.68 4.83
CA LEU B 283 -31.72 -20.70 5.86
C LEU B 283 -32.88 -20.32 6.79
N ASP B 284 -33.22 -19.02 6.90
CA ASP B 284 -34.37 -18.59 7.69
C ASP B 284 -35.64 -19.11 7.01
N ARG B 285 -35.73 -19.00 5.67
CA ARG B 285 -36.91 -19.49 4.94
C ARG B 285 -37.05 -21.00 5.09
N VAL B 286 -35.92 -21.73 5.11
CA VAL B 286 -35.96 -23.18 5.26
C VAL B 286 -36.57 -23.55 6.62
N LEU B 287 -36.22 -22.79 7.67
CA LEU B 287 -36.76 -23.03 9.02
C LEU B 287 -38.25 -22.71 9.12
N THR B 288 -38.73 -21.69 8.39
CA THR B 288 -40.15 -21.32 8.47
C THR B 288 -41.04 -22.39 7.87
N VAL B 289 -40.57 -23.12 6.87
CA VAL B 289 -41.35 -24.17 6.24
C VAL B 289 -40.75 -25.53 6.59
N LEU C 4 8.03 -15.89 1.68
CA LEU C 4 7.15 -14.95 2.37
C LEU C 4 5.74 -15.05 1.79
N GLU C 5 4.82 -15.73 2.51
CA GLU C 5 3.45 -15.90 2.03
C GLU C 5 2.42 -15.24 2.98
N LEU C 6 1.72 -14.22 2.47
CA LEU C 6 0.70 -13.40 3.15
C LEU C 6 -0.62 -13.44 2.37
N PRO C 7 -1.79 -13.26 3.02
CA PRO C 7 -3.04 -13.17 2.26
C PRO C 7 -3.19 -11.81 1.61
N ALA C 8 -3.81 -11.76 0.43
CA ALA C 8 -4.02 -10.50 -0.25
C ALA C 8 -5.45 -10.02 -0.01
N ASP C 9 -5.60 -8.78 0.48
CA ASP C 9 -6.89 -8.13 0.67
C ASP C 9 -7.08 -7.27 -0.59
N PRO C 10 -7.79 -7.77 -1.63
CA PRO C 10 -7.84 -7.04 -2.91
C PRO C 10 -8.21 -5.56 -2.83
N LYS C 11 -9.19 -5.20 -1.99
CA LYS C 11 -9.59 -3.80 -1.87
C LYS C 11 -8.45 -2.88 -1.39
N TRP C 12 -7.35 -3.46 -0.85
CA TRP C 12 -6.20 -2.69 -0.37
C TRP C 12 -4.93 -2.93 -1.18
N GLU C 13 -4.87 -4.01 -1.97
CA GLU C 13 -3.67 -4.35 -2.72
C GLU C 13 -3.36 -3.31 -3.79
N LEU C 14 -2.12 -2.80 -3.78
CA LEU C 14 -1.62 -1.84 -4.77
C LEU C 14 -0.59 -2.54 -5.65
N SER C 15 -0.62 -2.28 -6.96
CA SER C 15 0.35 -2.88 -7.87
C SER C 15 1.72 -2.26 -7.62
N ARG C 16 2.76 -3.09 -7.66
CA ARG C 16 4.12 -2.61 -7.44
C ARG C 16 4.60 -1.69 -8.56
N ALA C 17 4.02 -1.82 -9.77
CA ALA C 17 4.32 -0.91 -10.88
C ALA C 17 3.87 0.52 -10.56
N ARG C 18 2.85 0.67 -9.69
CA ARG C 18 2.35 1.98 -9.32
C ARG C 18 3.11 2.62 -8.16
N LEU C 19 4.04 1.88 -7.53
CA LEU C 19 4.81 2.43 -6.42
C LEU C 19 6.28 2.59 -6.78
N THR C 20 6.84 3.76 -6.46
CA THR C 20 8.25 4.07 -6.66
C THR C 20 8.79 4.52 -5.31
N LEU C 21 9.72 3.77 -4.73
CA LEU C 21 10.26 4.10 -3.42
C LEU C 21 11.28 5.21 -3.51
N GLY C 22 11.29 6.10 -2.52
CA GLY C 22 12.15 7.26 -2.50
C GLY C 22 13.08 7.34 -1.31
N LYS C 23 13.33 8.58 -0.84
CA LYS C 23 14.28 8.82 0.26
C LYS C 23 13.77 8.34 1.61
N PRO C 24 14.67 7.88 2.49
CA PRO C 24 14.24 7.56 3.86
C PRO C 24 13.75 8.78 4.61
N LEU C 25 12.62 8.66 5.34
CA LEU C 25 12.11 9.78 6.12
C LEU C 25 12.73 9.74 7.52
N GLY C 26 13.35 10.83 7.92
CA GLY C 26 14.01 10.95 9.22
C GLY C 26 15.33 10.20 9.30
N GLU C 27 16.24 10.67 10.16
CA GLU C 27 17.56 10.05 10.32
C GLU C 27 17.47 8.79 11.18
N GLY C 28 16.67 8.86 12.25
CA GLY C 28 16.49 7.73 13.15
C GLY C 28 15.70 6.63 12.50
N CYS C 29 15.96 5.36 12.88
CA CYS C 29 15.25 4.18 12.34
C CYS C 29 15.14 4.22 10.80
N PHE C 30 16.23 4.63 10.13
CA PHE C 30 16.23 4.80 8.68
C PHE C 30 16.08 3.47 7.92
N GLY C 31 15.34 3.51 6.81
CA GLY C 31 15.06 2.33 6.01
C GLY C 31 13.75 1.69 6.36
N GLN C 32 13.27 1.88 7.60
CA GLN C 32 12.00 1.31 8.05
C GLN C 32 10.84 2.11 7.44
N VAL C 33 10.95 3.45 7.38
CA VAL C 33 9.97 4.33 6.75
C VAL C 33 10.64 5.14 5.64
N VAL C 34 10.09 5.08 4.42
CA VAL C 34 10.62 5.84 3.31
C VAL C 34 9.51 6.63 2.63
N MET C 35 9.88 7.70 1.93
CA MET C 35 8.93 8.47 1.14
C MET C 35 8.71 7.65 -0.12
N ALA C 36 7.55 7.74 -0.75
CA ALA C 36 7.28 6.99 -1.99
C ALA C 36 6.19 7.67 -2.80
N GLU C 37 6.07 7.31 -4.09
CA GLU C 37 5.04 7.87 -4.96
C GLU C 37 4.16 6.74 -5.43
N ALA C 38 2.84 6.92 -5.32
CA ALA C 38 1.87 5.90 -5.72
C ALA C 38 0.89 6.48 -6.74
N ILE C 39 0.79 5.85 -7.91
CA ILE C 39 -0.10 6.33 -8.99
C ILE C 39 -1.48 5.70 -8.86
N GLY C 40 -2.52 6.54 -8.86
CA GLY C 40 -3.90 6.10 -8.78
C GLY C 40 -4.52 6.18 -7.40
N ILE C 41 -3.75 6.57 -6.37
CA ILE C 41 -4.25 6.70 -5.01
C ILE C 41 -5.42 7.70 -4.95
N ASP C 42 -5.34 8.80 -5.72
CA ASP C 42 -6.42 9.77 -5.80
C ASP C 42 -7.39 9.35 -6.90
N LYS C 43 -8.58 8.92 -6.53
CA LYS C 43 -9.61 8.50 -7.50
C LYS C 43 -9.92 9.55 -8.56
N ASP C 44 -9.88 10.84 -8.21
CA ASP C 44 -10.19 11.92 -9.15
C ASP C 44 -9.06 12.12 -10.16
N ARG C 45 -7.83 11.80 -9.79
CA ARG C 45 -6.66 12.00 -10.65
C ARG C 45 -5.90 10.69 -10.76
N ALA C 46 -6.41 9.78 -11.63
CA ALA C 46 -5.86 8.44 -11.78
C ALA C 46 -4.41 8.43 -12.28
N ALA C 47 -4.05 9.38 -13.14
CA ALA C 47 -2.69 9.48 -13.66
C ALA C 47 -1.69 10.08 -12.66
N LYS C 48 -2.17 10.88 -11.70
CA LYS C 48 -1.32 11.62 -10.77
C LYS C 48 -0.53 10.75 -9.78
N PRO C 49 0.82 10.86 -9.72
CA PRO C 49 1.55 10.18 -8.63
C PRO C 49 1.32 10.93 -7.31
N VAL C 50 0.88 10.23 -6.27
CA VAL C 50 0.61 10.84 -4.96
C VAL C 50 1.75 10.46 -4.01
N THR C 51 2.36 11.44 -3.34
CA THR C 51 3.43 11.16 -2.38
C THR C 51 2.83 10.54 -1.11
N VAL C 52 3.35 9.37 -0.73
CA VAL C 52 2.88 8.61 0.41
C VAL C 52 4.08 8.23 1.29
N ALA C 53 3.83 7.70 2.49
CA ALA C 53 4.89 7.19 3.35
C ALA C 53 4.77 5.66 3.34
N VAL C 54 5.88 4.94 3.17
CA VAL C 54 5.86 3.48 3.11
C VAL C 54 6.67 2.89 4.26
N LYS C 55 6.07 1.98 5.03
CA LYS C 55 6.79 1.28 6.10
C LYS C 55 7.12 -0.11 5.59
N MET C 56 8.39 -0.51 5.72
CA MET C 56 8.86 -1.80 5.25
C MET C 56 9.71 -2.46 6.34
N LEU C 57 9.90 -3.76 6.23
CA LEU C 57 10.72 -4.48 7.20
C LEU C 57 12.19 -4.32 6.88
N LYS C 58 13.02 -4.23 7.91
CA LYS C 58 14.47 -4.17 7.74
C LYS C 58 14.99 -5.58 7.41
N ASP C 59 16.24 -5.69 6.99
CA ASP C 59 16.82 -7.01 6.68
C ASP C 59 16.92 -7.85 7.95
N ASP C 60 17.23 -7.20 9.09
CA ASP C 60 17.32 -7.87 10.39
C ASP C 60 15.96 -8.26 10.99
N ALA C 61 14.84 -8.03 10.28
CA ALA C 61 13.52 -8.32 10.81
C ALA C 61 13.25 -9.79 11.12
N THR C 62 12.64 -10.03 12.29
CA THR C 62 12.19 -11.34 12.76
C THR C 62 10.77 -11.62 12.27
N ASP C 63 10.26 -12.86 12.43
CA ASP C 63 8.88 -13.17 12.09
C ASP C 63 7.91 -12.37 12.97
N LYS C 64 8.30 -12.02 14.21
CA LYS C 64 7.47 -11.18 15.07
C LYS C 64 7.35 -9.79 14.45
N ASP C 65 8.46 -9.24 13.91
CA ASP C 65 8.45 -7.93 13.26
C ASP C 65 7.46 -7.90 12.10
N LEU C 66 7.37 -9.00 11.35
CA LEU C 66 6.42 -9.12 10.24
C LEU C 66 4.99 -9.21 10.77
N SER C 67 4.74 -10.08 11.75
CA SER C 67 3.39 -10.23 12.31
C SER C 67 2.91 -8.93 12.95
N ASP C 68 3.82 -8.18 13.60
CA ASP C 68 3.49 -6.90 14.22
C ASP C 68 3.06 -5.87 13.18
N LEU C 69 3.77 -5.82 12.04
CA LEU C 69 3.44 -4.89 10.97
C LEU C 69 2.11 -5.25 10.32
N VAL C 70 1.84 -6.55 10.12
CA VAL C 70 0.58 -6.98 9.54
C VAL C 70 -0.55 -6.68 10.52
N SER C 71 -0.37 -6.98 11.81
CA SER C 71 -1.39 -6.71 12.83
C SER C 71 -1.71 -5.23 12.93
N GLU C 72 -0.70 -4.36 12.85
CA GLU C 72 -0.91 -2.91 12.90
C GLU C 72 -1.72 -2.45 11.70
N MET C 73 -1.39 -2.98 10.51
CA MET C 73 -2.12 -2.69 9.27
C MET C 73 -3.58 -3.16 9.39
N GLU C 74 -3.79 -4.36 9.94
CA GLU C 74 -5.12 -4.93 10.10
C GLU C 74 -5.95 -4.14 11.11
N MET C 75 -5.30 -3.61 12.16
CA MET C 75 -6.01 -2.78 13.14
C MET C 75 -6.44 -1.46 12.51
N MET C 76 -5.61 -0.90 11.63
CA MET C 76 -5.96 0.34 10.95
C MET C 76 -7.20 0.15 10.08
N LYS C 77 -7.36 -1.05 9.48
CA LYS C 77 -8.53 -1.37 8.67
C LYS C 77 -9.79 -1.40 9.55
N MET C 78 -9.67 -1.96 10.77
CA MET C 78 -10.79 -2.05 11.72
C MET C 78 -11.18 -0.66 12.24
N ILE C 79 -10.19 0.16 12.61
CA ILE C 79 -10.43 1.48 13.20
C ILE C 79 -11.14 2.40 12.21
N GLY C 80 -10.77 2.33 10.94
CA GLY C 80 -11.39 3.17 9.93
C GLY C 80 -10.64 4.47 9.71
N LYS C 81 -11.20 5.36 8.88
CA LYS C 81 -10.55 6.63 8.54
C LYS C 81 -11.12 7.84 9.30
N HIS C 82 -10.22 8.77 9.64
CA HIS C 82 -10.56 10.06 10.24
C HIS C 82 -9.50 11.08 9.79
N LYS C 83 -9.91 12.33 9.57
CA LYS C 83 -9.00 13.36 9.09
C LYS C 83 -7.79 13.54 10.01
N ASN C 84 -8.00 13.52 11.33
CA ASN C 84 -6.93 13.78 12.29
C ASN C 84 -6.19 12.53 12.78
N ILE C 85 -6.13 11.47 11.95
CA ILE C 85 -5.32 10.28 12.23
C ILE C 85 -4.59 9.92 10.93
N ILE C 86 -3.38 9.34 11.03
CA ILE C 86 -2.65 8.88 9.84
C ILE C 86 -3.40 7.69 9.27
N ASN C 87 -3.82 7.76 8.00
CA ASN C 87 -4.63 6.71 7.42
C ASN C 87 -3.89 5.75 6.52
N LEU C 88 -4.37 4.50 6.48
CA LEU C 88 -3.84 3.46 5.61
C LEU C 88 -4.35 3.75 4.20
N LEU C 89 -3.44 3.72 3.21
CA LEU C 89 -3.83 3.99 1.83
C LEU C 89 -3.73 2.75 0.93
N GLY C 90 -2.94 1.76 1.32
CA GLY C 90 -2.77 0.55 0.53
C GLY C 90 -1.61 -0.30 1.01
N ALA C 91 -1.36 -1.42 0.31
CA ALA C 91 -0.26 -2.31 0.68
C ALA C 91 0.15 -3.19 -0.50
N CYS C 92 1.44 -3.55 -0.54
CA CYS C 92 1.96 -4.48 -1.54
C CYS C 92 2.35 -5.73 -0.75
N THR C 93 1.48 -6.75 -0.76
CA THR C 93 1.70 -7.97 0.02
C THR C 93 2.10 -9.17 -0.83
N GLN C 94 2.00 -9.07 -2.17
CA GLN C 94 2.26 -10.20 -3.07
C GLN C 94 3.42 -9.93 -4.03
N GLY C 95 4.20 -10.98 -4.31
CA GLY C 95 5.28 -10.92 -5.28
C GLY C 95 6.42 -9.97 -4.93
N GLY C 96 6.80 -9.93 -3.66
CA GLY C 96 7.88 -9.07 -3.21
C GLY C 96 7.78 -8.73 -1.73
N PRO C 97 8.63 -7.81 -1.24
CA PRO C 97 8.57 -7.48 0.19
C PRO C 97 7.32 -6.72 0.57
N LEU C 98 6.90 -6.83 1.84
CA LEU C 98 5.70 -6.17 2.31
C LEU C 98 5.91 -4.66 2.43
N TYR C 99 5.04 -3.88 1.79
CA TYR C 99 5.08 -2.41 1.87
C TYR C 99 3.71 -1.92 2.34
N VAL C 100 3.67 -1.18 3.44
CA VAL C 100 2.41 -0.65 3.95
C VAL C 100 2.39 0.86 3.70
N LEU C 101 1.38 1.33 2.94
CA LEU C 101 1.26 2.74 2.59
C LEU C 101 0.40 3.50 3.59
N VAL C 102 0.89 4.64 4.07
CA VAL C 102 0.14 5.53 4.96
C VAL C 102 0.24 6.96 4.41
N GLU C 103 -0.63 7.86 4.88
CA GLU C 103 -0.63 9.25 4.42
C GLU C 103 0.70 9.95 4.73
N TYR C 104 1.21 10.73 3.77
CA TYR C 104 2.47 11.45 3.92
C TYR C 104 2.26 12.78 4.64
N ALA C 105 3.10 13.05 5.67
CA ALA C 105 3.03 14.30 6.43
C ALA C 105 4.30 15.12 6.20
N ALA C 106 4.26 16.05 5.25
CA ALA C 106 5.42 16.83 4.84
C ALA C 106 6.12 17.62 5.94
N LYS C 107 5.37 18.21 6.87
CA LYS C 107 5.97 19.09 7.89
C LYS C 107 6.45 18.38 9.16
N GLY C 108 6.68 17.06 9.09
CA GLY C 108 7.24 16.29 10.19
C GLY C 108 6.35 16.17 11.41
N ASN C 109 6.93 15.77 12.56
CA ASN C 109 6.16 15.61 13.78
C ASN C 109 5.83 16.96 14.43
N LEU C 110 4.80 16.98 15.27
CA LEU C 110 4.31 18.20 15.89
C LEU C 110 5.38 18.89 16.73
N ARG C 111 6.25 18.14 17.44
CA ARG C 111 7.31 18.75 18.23
C ARG C 111 8.24 19.59 17.35
N GLU C 112 8.77 18.99 16.27
CA GLU C 112 9.69 19.70 15.39
C GLU C 112 8.98 20.82 14.64
N PHE C 113 7.71 20.60 14.25
CA PHE C 113 6.90 21.63 13.59
C PHE C 113 6.77 22.87 14.48
N LEU C 114 6.57 22.66 15.79
CA LEU C 114 6.44 23.75 16.75
C LEU C 114 7.78 24.42 17.01
N ARG C 115 8.85 23.63 17.20
CA ARG C 115 10.18 24.17 17.48
C ARG C 115 10.70 25.03 16.33
N ALA C 116 10.42 24.63 15.09
CA ALA C 116 10.83 25.41 13.93
C ALA C 116 10.05 26.72 13.83
N ARG C 117 8.79 26.73 14.28
CA ARG C 117 7.93 27.91 14.22
C ARG C 117 7.90 28.71 15.53
N ARG C 118 8.95 28.59 16.36
CA ARG C 118 9.08 29.42 17.56
C ARG C 118 9.42 30.85 17.17
N SER C 119 10.18 31.03 16.07
CA SER C 119 10.55 32.34 15.56
C SER C 119 10.51 32.32 14.03
N GLY C 120 10.35 33.50 13.43
CA GLY C 120 10.38 33.65 11.99
C GLY C 120 9.05 34.06 11.37
N GLU C 121 8.96 33.91 10.04
CA GLU C 121 7.76 34.29 9.29
C GLU C 121 6.62 33.32 9.57
N GLU C 122 6.95 32.03 9.67
CA GLU C 122 5.96 30.96 9.83
C GLU C 122 5.52 30.75 11.30
N GLN C 123 5.85 31.69 12.21
CA GLN C 123 5.49 31.60 13.63
C GLN C 123 3.96 31.52 13.81
N LEU C 124 3.50 30.67 14.75
CA LEU C 124 2.08 30.39 14.94
C LEU C 124 1.42 31.31 15.94
N THR C 125 0.15 31.70 15.70
CA THR C 125 -0.61 32.55 16.62
C THR C 125 -1.30 31.68 17.69
N PHE C 126 -1.85 32.31 18.74
CA PHE C 126 -2.53 31.59 19.82
C PHE C 126 -3.66 30.71 19.28
N LYS C 127 -4.45 31.23 18.32
CA LYS C 127 -5.53 30.48 17.70
C LYS C 127 -4.99 29.24 16.98
N ASP C 128 -3.84 29.37 16.30
CA ASP C 128 -3.23 28.24 15.59
C ASP C 128 -2.84 27.14 16.57
N LEU C 129 -2.34 27.50 17.75
CA LEU C 129 -1.96 26.53 18.78
C LEU C 129 -3.19 25.86 19.38
N VAL C 130 -4.29 26.61 19.55
CA VAL C 130 -5.53 26.04 20.07
C VAL C 130 -6.13 25.11 19.02
N SER C 131 -6.01 25.47 17.72
CA SER C 131 -6.49 24.65 16.62
C SER C 131 -5.80 23.29 16.61
N CYS C 132 -4.49 23.27 16.94
CA CYS C 132 -3.74 22.02 16.99
C CYS C 132 -4.30 21.11 18.08
N ALA C 133 -4.52 21.68 19.28
CA ALA C 133 -5.09 20.93 20.40
C ALA C 133 -6.48 20.37 20.05
N TYR C 134 -7.32 21.20 19.41
CA TYR C 134 -8.66 20.78 19.00
C TYR C 134 -8.61 19.62 18.01
N GLN C 135 -7.68 19.66 17.05
CA GLN C 135 -7.55 18.61 16.04
C GLN C 135 -7.03 17.31 16.66
N VAL C 136 -6.05 17.41 17.57
CA VAL C 136 -5.53 16.22 18.26
C VAL C 136 -6.64 15.63 19.13
N ALA C 137 -7.45 16.48 19.77
CA ALA C 137 -8.56 16.02 20.60
C ALA C 137 -9.61 15.31 19.74
N ARG C 138 -9.92 15.85 18.54
CA ARG C 138 -10.90 15.25 17.65
C ARG C 138 -10.46 13.88 17.15
N GLY C 139 -9.19 13.76 16.78
CA GLY C 139 -8.63 12.49 16.33
C GLY C 139 -8.62 11.45 17.43
N MET C 140 -8.31 11.90 18.66
CA MET C 140 -8.31 11.00 19.82
C MET C 140 -9.74 10.60 20.19
N GLU C 141 -10.70 11.52 20.04
CA GLU C 141 -12.13 11.23 20.29
C GLU C 141 -12.58 10.12 19.34
N TYR C 142 -12.16 10.18 18.07
CA TYR C 142 -12.50 9.15 17.10
C TYR C 142 -11.85 7.83 17.47
N LEU C 143 -10.56 7.84 17.82
CA LEU C 143 -9.86 6.61 18.21
C LEU C 143 -10.49 5.98 19.46
N ALA C 144 -10.86 6.80 20.45
CA ALA C 144 -11.51 6.30 21.66
C ALA C 144 -12.87 5.69 21.31
N SER C 145 -13.63 6.33 20.41
CA SER C 145 -14.93 5.82 19.98
C SER C 145 -14.78 4.48 19.25
N GLN C 146 -13.65 4.26 18.56
CA GLN C 146 -13.40 2.99 17.87
C GLN C 146 -12.67 1.98 18.78
N LYS C 147 -12.77 2.14 20.11
CA LYS C 147 -12.18 1.23 21.09
C LYS C 147 -10.66 1.11 20.93
N CYS C 148 -9.98 2.23 20.71
CA CYS C 148 -8.53 2.24 20.51
C CYS C 148 -7.82 3.11 21.55
N ILE C 149 -6.79 2.54 22.20
CA ILE C 149 -5.97 3.28 23.17
C ILE C 149 -4.58 3.41 22.55
N HIS C 150 -4.08 4.64 22.42
CA HIS C 150 -2.78 4.88 21.80
C HIS C 150 -1.66 4.33 22.68
N ARG C 151 -1.73 4.63 23.99
CA ARG C 151 -0.73 4.22 24.98
C ARG C 151 0.58 5.04 24.90
N ASP C 152 0.72 5.94 23.92
CA ASP C 152 1.90 6.81 23.83
C ASP C 152 1.54 8.08 23.07
N LEU C 153 0.59 8.87 23.60
CA LEU C 153 0.20 10.12 22.94
C LEU C 153 1.18 11.22 23.31
N ALA C 154 1.86 11.78 22.30
CA ALA C 154 2.87 12.82 22.49
C ALA C 154 3.00 13.63 21.18
N ALA C 155 3.62 14.81 21.23
CA ALA C 155 3.80 15.62 20.02
C ALA C 155 4.64 14.87 18.98
N ARG C 156 5.61 14.06 19.43
CA ARG C 156 6.42 13.23 18.53
C ARG C 156 5.54 12.25 17.74
N ASN C 157 4.38 11.84 18.29
CA ASN C 157 3.47 10.89 17.64
C ASN C 157 2.28 11.58 16.95
N VAL C 158 2.39 12.87 16.64
CA VAL C 158 1.38 13.60 15.89
C VAL C 158 2.12 14.19 14.70
N LEU C 159 1.71 13.87 13.47
CA LEU C 159 2.38 14.39 12.28
C LEU C 159 1.58 15.52 11.64
N VAL C 160 2.28 16.46 10.99
CA VAL C 160 1.67 17.64 10.38
C VAL C 160 1.80 17.58 8.85
N THR C 161 0.67 17.73 8.13
CA THR C 161 0.65 17.68 6.66
C THR C 161 1.12 19.01 6.07
N GLU C 162 1.30 19.08 4.73
CA GLU C 162 1.61 20.33 4.06
C GLU C 162 0.48 21.35 4.28
N ASP C 163 -0.78 20.88 4.36
CA ASP C 163 -1.94 21.73 4.63
C ASP C 163 -2.13 22.02 6.13
N ASN C 164 -1.12 21.71 6.97
CA ASN C 164 -1.15 21.97 8.41
C ASN C 164 -2.26 21.23 9.14
N VAL C 165 -2.54 19.99 8.70
CA VAL C 165 -3.53 19.16 9.36
C VAL C 165 -2.84 18.23 10.36
N MET C 166 -3.32 18.19 11.61
CA MET C 166 -2.72 17.33 12.63
C MET C 166 -3.23 15.91 12.44
N LYS C 167 -2.33 14.92 12.43
CA LYS C 167 -2.69 13.52 12.26
C LYS C 167 -1.96 12.64 13.26
N ILE C 168 -2.71 11.96 14.13
CA ILE C 168 -2.14 11.05 15.13
C ILE C 168 -1.55 9.82 14.46
N ALA C 169 -0.28 9.50 14.75
CA ALA C 169 0.42 8.38 14.14
C ALA C 169 0.65 7.23 15.11
N ASP C 170 0.85 6.01 14.58
CA ASP C 170 1.17 4.80 15.34
C ASP C 170 0.14 4.48 16.44
N PHE C 171 -1.15 4.65 16.15
CA PHE C 171 -2.20 4.35 17.13
C PHE C 171 -2.49 2.85 17.20
N GLY C 172 -2.42 2.16 16.07
CA GLY C 172 -2.65 0.73 15.99
C GLY C 172 -1.49 -0.15 16.41
N LEU C 173 -0.34 0.45 16.71
CA LEU C 173 0.85 -0.30 17.11
C LEU C 173 0.69 -0.88 18.52
N ALA C 174 1.06 -2.16 18.69
CA ALA C 174 1.07 -2.82 20.00
C ALA C 174 2.48 -2.66 20.56
N ARG C 175 2.66 -1.77 21.54
CA ARG C 175 3.99 -1.46 22.08
C ARG C 175 4.31 -2.26 23.33
N ASP C 176 5.57 -2.69 23.47
CA ASP C 176 6.01 -3.43 24.66
C ASP C 176 6.03 -2.46 25.84
N VAL C 177 5.23 -2.76 26.87
CA VAL C 177 5.09 -1.87 28.02
C VAL C 177 6.22 -2.09 29.01
N HIS C 178 6.56 -1.04 29.76
CA HIS C 178 7.63 -1.13 30.75
C HIS C 178 7.19 -0.65 32.13
N ASN C 179 7.73 -1.29 33.18
CA ASN C 179 7.40 -0.99 34.58
C ASN C 179 8.43 -0.03 35.18
N LEU C 180 8.23 0.46 36.42
CA LEU C 180 9.18 1.38 37.05
C LEU C 180 10.58 0.77 37.13
N ASP C 181 10.67 -0.54 37.37
CA ASP C 181 11.96 -1.20 37.52
C ASP C 181 12.75 -1.21 36.21
N TYR C 182 12.07 -1.20 35.05
CA TYR C 182 12.73 -1.11 33.76
C TYR C 182 13.45 0.23 33.63
N TYR C 183 12.80 1.31 34.06
CA TYR C 183 13.40 2.65 34.01
C TYR C 183 14.49 2.69 35.07
N LYS C 184 15.43 3.64 34.97
CA LYS C 184 16.60 3.67 35.86
C LYS C 184 17.59 2.55 35.48
N LYS C 185 17.35 1.81 34.38
CA LYS C 185 18.21 0.72 33.91
C LYS C 185 18.46 0.88 32.41
N ARG C 190 12.95 6.62 30.39
CA ARG C 190 13.34 7.59 29.37
C ARG C 190 12.19 8.59 29.11
N LEU C 191 12.04 9.14 27.89
CA LEU C 191 10.99 10.11 27.60
C LEU C 191 9.57 9.51 27.66
N PRO C 192 9.30 8.30 27.12
CA PRO C 192 7.92 7.76 27.20
C PRO C 192 7.29 7.86 28.58
N VAL C 193 8.11 7.77 29.62
CA VAL C 193 7.67 7.88 31.02
C VAL C 193 6.96 9.20 31.31
N LYS C 194 7.50 10.31 30.80
CA LYS C 194 6.99 11.64 31.11
C LYS C 194 5.54 11.85 30.67
N TRP C 195 5.09 11.17 29.62
CA TRP C 195 3.71 11.28 29.13
C TRP C 195 2.76 10.24 29.77
N MET C 196 3.28 9.28 30.54
CA MET C 196 2.46 8.24 31.15
C MET C 196 1.63 8.74 32.32
N ALA C 197 0.42 8.18 32.47
CA ALA C 197 -0.42 8.47 33.62
C ALA C 197 0.13 7.70 34.81
N PRO C 198 -0.09 8.11 36.07
CA PRO C 198 0.44 7.34 37.20
C PRO C 198 0.01 5.87 37.21
N GLU C 199 -1.24 5.58 36.85
CA GLU C 199 -1.72 4.19 36.82
C GLU C 199 -1.02 3.38 35.72
N ALA C 200 -0.72 3.99 34.57
CA ALA C 200 0.00 3.32 33.48
C ALA C 200 1.47 3.15 33.86
N LEU C 201 2.02 4.16 34.50
CA LEU C 201 3.41 4.19 34.90
C LEU C 201 3.74 3.16 35.99
N PHE C 202 2.98 3.16 37.09
CA PHE C 202 3.23 2.26 38.22
C PHE C 202 2.53 0.91 38.10
N ASP C 203 1.28 0.87 37.58
CA ASP C 203 0.51 -0.36 37.55
C ASP C 203 0.27 -0.93 36.15
N ARG C 204 0.87 -0.32 35.10
CA ARG C 204 0.71 -0.72 33.70
C ARG C 204 -0.75 -0.71 33.24
N VAL C 205 -1.59 0.13 33.85
CA VAL C 205 -3.02 0.22 33.54
C VAL C 205 -3.25 1.27 32.45
N TYR C 206 -3.75 0.85 31.28
CA TYR C 206 -4.01 1.73 30.16
C TYR C 206 -5.49 1.78 29.82
N THR C 207 -6.07 2.98 29.85
CA THR C 207 -7.47 3.25 29.51
C THR C 207 -7.51 4.49 28.62
N HIS C 208 -8.70 4.87 28.10
CA HIS C 208 -8.82 6.12 27.36
C HIS C 208 -8.56 7.31 28.31
N GLN C 209 -8.79 7.15 29.64
CA GLN C 209 -8.50 8.19 30.62
C GLN C 209 -6.99 8.40 30.78
N SER C 210 -6.19 7.33 30.67
CA SER C 210 -4.75 7.45 30.77
C SER C 210 -4.19 8.19 29.53
N ASP C 211 -4.83 8.03 28.36
CA ASP C 211 -4.48 8.80 27.16
C ASP C 211 -4.81 10.28 27.37
N VAL C 212 -5.84 10.59 28.17
CA VAL C 212 -6.22 11.96 28.50
C VAL C 212 -5.09 12.62 29.29
N TRP C 213 -4.45 11.89 30.21
CA TRP C 213 -3.29 12.41 30.94
C TRP C 213 -2.18 12.78 29.96
N SER C 214 -1.89 11.87 29.02
CA SER C 214 -0.89 12.11 27.98
C SER C 214 -1.27 13.31 27.12
N PHE C 215 -2.57 13.50 26.86
CA PHE C 215 -3.05 14.66 26.10
C PHE C 215 -2.76 15.95 26.86
N GLY C 216 -2.88 15.93 28.18
CA GLY C 216 -2.54 17.08 29.01
C GLY C 216 -1.09 17.45 28.88
N VAL C 217 -0.21 16.44 28.83
CA VAL C 217 1.23 16.65 28.64
C VAL C 217 1.48 17.15 27.21
N LEU C 218 0.74 16.64 26.23
CA LEU C 218 0.83 17.07 24.83
C LEU C 218 0.36 18.53 24.71
N LEU C 219 -0.68 18.92 25.44
CA LEU C 219 -1.16 20.31 25.45
C LEU C 219 -0.07 21.23 25.97
N TRP C 220 0.65 20.80 27.02
CA TRP C 220 1.77 21.55 27.58
C TRP C 220 2.86 21.71 26.51
N GLU C 221 3.11 20.67 25.72
CA GLU C 221 4.07 20.75 24.62
C GLU C 221 3.64 21.80 23.61
N ILE C 222 2.35 21.81 23.23
CA ILE C 222 1.82 22.77 22.26
C ILE C 222 2.08 24.22 22.68
N PHE C 223 1.76 24.57 23.94
CA PHE C 223 1.91 25.95 24.40
C PHE C 223 3.33 26.31 24.86
N THR C 224 4.21 25.32 25.01
CA THR C 224 5.64 25.59 25.19
C THR C 224 6.35 25.56 23.83
N LEU C 225 5.59 25.29 22.73
CA LEU C 225 6.08 25.24 21.36
C LEU C 225 7.14 24.16 21.20
N GLY C 226 6.81 22.96 21.70
CA GLY C 226 7.66 21.79 21.63
C GLY C 226 8.62 21.66 22.81
N GLY C 227 8.19 22.11 23.97
CA GLY C 227 9.01 22.02 25.18
C GLY C 227 9.10 20.63 25.73
N SER C 228 10.22 20.29 26.35
CA SER C 228 10.41 18.97 26.96
C SER C 228 9.69 18.93 28.31
N PRO C 229 8.71 18.04 28.54
CA PRO C 229 8.04 18.03 29.86
C PRO C 229 8.99 17.68 31.00
N TYR C 230 8.74 18.22 32.21
CA TYR C 230 9.56 17.99 33.40
C TYR C 230 11.06 18.08 33.08
N PRO C 231 11.52 19.22 32.53
CA PRO C 231 12.92 19.29 32.07
C PRO C 231 13.95 19.25 33.19
N GLY C 232 14.96 18.39 33.03
CA GLY C 232 16.03 18.25 34.02
C GLY C 232 15.73 17.28 35.14
N ILE C 233 14.44 17.04 35.42
CA ILE C 233 14.02 16.14 36.50
C ILE C 233 14.34 14.68 36.14
N PRO C 234 15.16 13.95 36.93
CA PRO C 234 15.40 12.53 36.60
C PRO C 234 14.15 11.68 36.67
N VAL C 235 14.19 10.50 36.04
CA VAL C 235 13.06 9.60 35.97
C VAL C 235 12.61 9.11 37.36
N GLU C 236 13.55 8.72 38.24
CA GLU C 236 13.19 8.23 39.57
C GLU C 236 12.48 9.29 40.41
N GLU C 237 13.03 10.52 40.44
CA GLU C 237 12.44 11.58 41.24
C GLU C 237 11.10 12.04 40.65
N LEU C 238 10.92 11.92 39.31
CA LEU C 238 9.63 12.19 38.67
C LEU C 238 8.53 11.28 39.27
N PHE C 239 8.82 9.99 39.55
CA PHE C 239 7.82 9.09 40.14
C PHE C 239 7.38 9.62 41.50
N LYS C 240 8.36 9.92 42.35
CA LYS C 240 8.15 10.42 43.70
C LYS C 240 7.32 11.71 43.67
N LEU C 241 7.58 12.59 42.70
CA LEU C 241 6.89 13.87 42.61
C LEU C 241 5.45 13.76 42.12
N LEU C 242 5.17 12.86 41.16
CA LEU C 242 3.80 12.63 40.71
C LEU C 242 2.97 12.02 41.85
N LYS C 243 3.59 11.21 42.71
CA LYS C 243 2.89 10.68 43.90
C LYS C 243 2.56 11.84 44.84
N GLU C 244 3.49 12.78 45.02
CA GLU C 244 3.28 13.94 45.89
C GLU C 244 2.27 14.96 45.35
N GLY C 245 1.74 14.74 44.14
CA GLY C 245 0.74 15.62 43.57
C GLY C 245 1.31 16.80 42.82
N HIS C 246 2.62 16.73 42.46
CA HIS C 246 3.28 17.79 41.71
C HIS C 246 2.90 17.74 40.25
N ARG C 247 2.60 18.91 39.66
CA ARG C 247 2.28 18.99 38.24
C ARG C 247 3.07 20.13 37.60
N MET C 248 3.19 20.10 36.27
CA MET C 248 3.95 21.11 35.54
C MET C 248 3.34 22.51 35.67
N ASP C 249 4.20 23.53 35.52
CA ASP C 249 3.84 24.95 35.58
C ASP C 249 3.04 25.35 34.36
N LYS C 250 2.26 26.44 34.46
CA LYS C 250 1.56 26.96 33.30
C LYS C 250 2.57 27.53 32.30
N PRO C 251 2.56 27.13 31.01
CA PRO C 251 3.48 27.75 30.05
C PRO C 251 3.29 29.27 30.01
N ALA C 252 4.37 30.03 29.81
CA ALA C 252 4.30 31.49 29.82
C ALA C 252 3.21 32.06 28.91
N ASN C 253 3.13 31.58 27.66
CA ASN C 253 2.12 32.08 26.72
C ASN C 253 0.93 31.11 26.68
N CYS C 254 0.26 30.96 27.83
CA CYS C 254 -0.91 30.09 27.95
C CYS C 254 -1.96 30.75 28.83
N THR C 255 -3.23 30.72 28.42
CA THR C 255 -4.30 31.34 29.20
C THR C 255 -4.66 30.50 30.41
N HIS C 256 -5.30 31.12 31.42
CA HIS C 256 -5.69 30.40 32.63
C HIS C 256 -6.70 29.31 32.32
N ASP C 257 -7.69 29.59 31.46
CA ASP C 257 -8.71 28.60 31.12
C ASP C 257 -8.10 27.36 30.47
N LEU C 258 -7.06 27.53 29.63
CA LEU C 258 -6.39 26.41 28.99
C LEU C 258 -5.56 25.61 29.98
N TYR C 259 -4.92 26.28 30.94
CA TYR C 259 -4.14 25.58 31.96
C TYR C 259 -5.06 24.79 32.90
N MET C 260 -6.33 25.20 33.05
CA MET C 260 -7.28 24.43 33.86
C MET C 260 -7.70 23.16 33.11
N ILE C 261 -7.72 23.18 31.77
CA ILE C 261 -7.97 21.99 30.95
C ILE C 261 -6.77 21.06 31.13
N MET C 262 -5.56 21.63 31.04
CA MET C 262 -4.29 20.92 31.19
C MET C 262 -4.24 20.25 32.56
N ARG C 263 -4.62 20.97 33.64
CA ARG C 263 -4.66 20.42 35.00
C ARG C 263 -5.76 19.38 35.13
N GLU C 264 -6.91 19.61 34.49
CA GLU C 264 -8.04 18.67 34.49
C GLU C 264 -7.61 17.29 33.98
N CYS C 265 -6.74 17.27 32.98
CA CYS C 265 -6.19 16.04 32.44
C CYS C 265 -5.26 15.33 33.42
N TRP C 266 -4.66 16.07 34.37
CA TRP C 266 -3.71 15.49 35.31
C TRP C 266 -4.28 15.19 36.69
N HIS C 267 -5.59 14.87 36.79
CA HIS C 267 -6.17 14.44 38.06
C HIS C 267 -5.65 13.04 38.33
N ALA C 268 -5.23 12.74 39.57
CA ALA C 268 -4.74 11.40 39.89
C ALA C 268 -5.82 10.34 39.64
N ALA C 269 -7.08 10.67 39.97
CA ALA C 269 -8.22 9.78 39.74
C ALA C 269 -8.60 9.82 38.26
N PRO C 270 -8.44 8.71 37.51
CA PRO C 270 -8.76 8.76 36.07
C PRO C 270 -10.14 9.28 35.70
N SER C 271 -11.20 8.88 36.43
CA SER C 271 -12.56 9.32 36.10
C SER C 271 -12.74 10.83 36.29
N GLN C 272 -11.97 11.45 37.19
CA GLN C 272 -12.04 12.89 37.40
C GLN C 272 -11.45 13.68 36.21
N ARG C 273 -10.67 13.02 35.34
CA ARG C 273 -10.14 13.65 34.13
C ARG C 273 -11.29 13.73 33.11
N PRO C 274 -11.27 14.69 32.17
CA PRO C 274 -12.36 14.73 31.18
C PRO C 274 -12.19 13.68 30.09
N THR C 275 -13.30 13.30 29.44
CA THR C 275 -13.23 12.37 28.31
C THR C 275 -12.75 13.15 27.08
N PHE C 276 -12.32 12.47 26.01
CA PHE C 276 -11.90 13.17 24.79
C PHE C 276 -13.09 13.91 24.16
N LYS C 277 -14.32 13.41 24.32
CA LYS C 277 -15.51 14.10 23.86
C LYS C 277 -15.64 15.45 24.58
N GLN C 278 -15.36 15.47 25.89
CA GLN C 278 -15.39 16.68 26.70
C GLN C 278 -14.22 17.62 26.37
N LEU C 279 -13.04 17.07 26.03
CA LEU C 279 -11.90 17.91 25.66
C LEU C 279 -12.15 18.61 24.33
N VAL C 280 -12.77 17.91 23.36
CA VAL C 280 -13.16 18.50 22.07
C VAL C 280 -14.11 19.69 22.33
N GLU C 281 -15.07 19.50 23.25
CA GLU C 281 -16.02 20.55 23.64
C GLU C 281 -15.32 21.71 24.32
N ASP C 282 -14.40 21.44 25.26
CA ASP C 282 -13.69 22.50 25.98
C ASP C 282 -12.84 23.31 25.03
N LEU C 283 -12.08 22.64 24.15
CA LEU C 283 -11.23 23.33 23.17
C LEU C 283 -12.05 24.04 22.09
N ASP C 284 -13.26 23.56 21.80
CA ASP C 284 -14.16 24.21 20.85
C ASP C 284 -14.59 25.53 21.46
N ARG C 285 -14.92 25.51 22.76
CA ARG C 285 -15.28 26.68 23.56
C ARG C 285 -14.18 27.75 23.51
N VAL C 286 -12.91 27.35 23.58
CA VAL C 286 -11.78 28.29 23.56
C VAL C 286 -11.64 28.94 22.18
N LEU C 287 -11.90 28.19 21.10
CA LEU C 287 -11.83 28.74 19.74
C LEU C 287 -12.96 29.75 19.49
N THR C 288 -14.13 29.55 20.11
CA THR C 288 -15.23 30.51 20.00
C THR C 288 -14.91 31.75 20.89
N VAL C 289 -14.10 31.60 22.00
CA VAL C 289 -13.64 32.73 22.83
C VAL C 289 -12.65 33.53 21.96
N THR C 290 -11.70 32.82 21.34
CA THR C 290 -10.64 33.39 20.49
C THR C 290 -11.25 34.22 19.37
N SER C 291 -12.41 33.79 18.85
CA SER C 291 -13.14 34.55 17.84
C SER C 291 -13.56 35.95 18.36
N HIS C 292 -13.33 36.24 19.65
CA HIS C 292 -13.61 37.51 20.32
C HIS C 292 -15.05 37.95 20.17
N HIS C 293 -15.97 37.05 20.51
CA HIS C 293 -17.39 37.35 20.44
C HIS C 293 -17.98 37.38 21.84
#